data_9GRC
#
_entry.id   9GRC
#
_cell.length_a   1.00
_cell.length_b   1.00
_cell.length_c   1.00
_cell.angle_alpha   90.00
_cell.angle_beta   90.00
_cell.angle_gamma   90.00
#
_symmetry.space_group_name_H-M   'P 1'
#
loop_
_entity.id
_entity.type
_entity.pdbx_description
1 polymer 'Lipoprotein-releasing system transmembrane protein LolC'
2 polymer 'Lipoprotein-releasing system transmembrane protein LolE'
3 polymer 'Lipoprotein-releasing system ATP-binding protein LolD'
4 polymer lipoprotein(LPP)
5 non-polymer '(2S)-3-hydroxypropane-1,2-diyl dihexadecanoate'
6 non-polymer 'PALMITIC ACID'
#
loop_
_entity_poly.entity_id
_entity_poly.type
_entity_poly.pdbx_seq_one_letter_code
_entity_poly.pdbx_strand_id
1 'polypeptide(L)'
;MYQPVALFIGLRYMRGRAADRFGRFVSWLSTIGITLGVMALVTVLSVMNGFERELQNNILGLMPQAILSSEHGSLNPQQL
PETAVKLDGVNRVAPITTGDVVLQSARSVAVGVMLGIDPAQKDPLTPYLVNVKQTDLEPGKYNVILGEQLASQLGVNRGD
QIRVMVPSASQFTPMGRIPSQRLFNVIGTFAANSEVDGYEMLVNIEDASRLMRYPAGNITGWRLWLDEPLKVDSLSQQKL
PEGSKWQDWRDRKGELFQAVRMEKNMMGLLLSLIVAVAAFNIITSLGLMVMEKQGEVAILQTQGLTPRQIMMVFMVQGAS
AGIIGAILGAALGALLASQLNNLMPIIGVLLDGAALPVAIEPLQVIVIALVAMAIALLSTLYPSWRAAATQPAEALRYE
;
C
2 'polypeptide(L)'
;MAMPLSLLIGLRFSRGRRRGGMVSLISVISTIGIALGVAVLIVGLSAMNGFERELNNRILAVVPHGEIEAVDQPWTNWQE
ALDHVQKVPGIAAAAPYINFTGLVESGANLRAIQVKGVNPQQEQRLSALPSFVQGDAWRNFKAGEQQIIIGKGVADALKV
KQGDWVSIMIPNSNPEHKLMQPKRVRLHVAGILQLSGQLDHSFAMIPLADAQQYLDMGSSVSGIALKMTDVFNANKLVRD
AGEVTNSYVYIKSWIGTYGYMYRDIQMIRAIMYLAMVLVIGVACFNIVSTLVMAVKDKSGDIAVLRTLGAKDGLIRAIFV
WYGLLAGLFGSLCGVIIGVVVSLQLTPIIEWIEKLIGHQFLSSDIYFIDFLPSELHWLDVFYVLVTALLLSLLASWYPAR
RASNIDPARVLSGQ
;
E
3 'polypeptide(L)'
;MNKILLQCDNLCKRYQEGSVQTDVLHNVSFSVGEGEMMAIVGSSGSGKSTLLHLLGGLDTPTSGDVIFNGQPMSKLSSAA
KAELRNQKLGFIYQFHHLLPDFTALENVAMPLLIGKKKPAEINSRALEMLKAVGLDHRANHRPSELSGGERQRVAIARAL
VNNPRLVLADEPTGNLDARNADSIFQLLGELNRLQGTAFLVVTHDLQLAKRMSRQLEMRDGRLTAELSLMGAEHHHHHHH
H
;
F,D
4 'polypeptide(L)' CSSNAKIDQL V
#
# COMPACT_ATOMS: atom_id res chain seq x y z
N TYR A 2 -14.02 -28.43 -13.94
CA TYR A 2 -13.72 -29.16 -15.16
C TYR A 2 -13.41 -28.21 -16.31
N GLN A 3 -12.12 -27.94 -16.52
CA GLN A 3 -11.66 -27.10 -17.60
C GLN A 3 -10.54 -27.78 -18.37
N PRO A 4 -10.39 -27.50 -19.66
CA PRO A 4 -9.30 -28.11 -20.43
C PRO A 4 -7.91 -27.77 -19.88
N VAL A 5 -7.74 -26.57 -19.34
CA VAL A 5 -6.46 -26.17 -18.76
C VAL A 5 -6.45 -26.66 -17.31
N ALA A 6 -5.64 -27.68 -17.03
CA ALA A 6 -5.58 -28.23 -15.69
C ALA A 6 -4.97 -27.25 -14.69
N LEU A 7 -4.19 -26.27 -15.15
CA LEU A 7 -3.61 -25.28 -14.25
C LEU A 7 -4.68 -24.40 -13.63
N PHE A 8 -5.63 -23.93 -14.43
CA PHE A 8 -6.63 -22.97 -13.96
C PHE A 8 -7.70 -23.61 -13.08
N ILE A 9 -8.11 -24.85 -13.38
CA ILE A 9 -9.12 -25.51 -12.57
C ILE A 9 -8.61 -25.80 -11.17
N GLY A 10 -7.31 -26.06 -11.02
CA GLY A 10 -6.73 -26.31 -9.71
C GLY A 10 -6.56 -25.09 -8.84
N LEU A 11 -6.81 -23.89 -9.38
CA LEU A 11 -6.73 -22.66 -8.62
C LEU A 11 -8.03 -21.88 -8.53
N ARG A 12 -8.96 -22.09 -9.47
CA ARG A 12 -10.21 -21.34 -9.45
C ARG A 12 -11.02 -21.63 -8.20
N TYR A 13 -11.09 -22.89 -7.79
CA TYR A 13 -11.79 -23.25 -6.55
C TYR A 13 -11.07 -22.73 -5.32
N MET A 14 -9.78 -22.42 -5.43
CA MET A 14 -9.02 -21.89 -4.30
C MET A 14 -9.26 -20.40 -4.08
N ARG A 15 -9.90 -19.72 -5.02
CA ARG A 15 -10.23 -18.30 -4.85
C ARG A 15 -11.58 -18.18 -4.14
N GLY A 16 -11.54 -18.50 -2.85
CA GLY A 16 -12.74 -18.49 -2.03
C GLY A 16 -13.28 -19.87 -1.77
N ARG A 17 -13.02 -20.40 -0.57
CA ARG A 17 -13.47 -21.73 -0.18
C ARG A 17 -14.29 -21.73 1.11
N ALA A 18 -14.15 -20.72 1.95
CA ALA A 18 -14.91 -20.62 3.20
C ALA A 18 -15.98 -19.54 3.00
N ALA A 19 -17.15 -19.97 2.53
CA ALA A 19 -18.25 -19.05 2.27
C ALA A 19 -18.77 -18.48 3.59
N ASP A 20 -18.52 -17.21 3.82
CA ASP A 20 -18.95 -16.55 5.06
C ASP A 20 -19.02 -15.05 4.81
N ARG A 21 -19.70 -14.35 5.71
CA ARG A 21 -19.84 -12.91 5.58
C ARG A 21 -18.53 -12.17 5.79
N PHE A 22 -17.52 -12.83 6.36
CA PHE A 22 -16.22 -12.22 6.60
C PHE A 22 -15.06 -12.99 5.99
N GLY A 23 -15.13 -14.33 5.94
CA GLY A 23 -14.05 -15.11 5.39
C GLY A 23 -13.81 -14.82 3.91
N ARG A 24 -14.87 -14.64 3.13
CA ARG A 24 -14.73 -14.30 1.73
C ARG A 24 -14.17 -12.91 1.52
N PHE A 25 -14.41 -11.98 2.45
CA PHE A 25 -13.91 -10.62 2.33
C PHE A 25 -12.39 -10.53 2.40
N VAL A 26 -11.74 -11.39 3.19
CA VAL A 26 -10.29 -11.33 3.33
C VAL A 26 -9.60 -11.67 2.02
N SER A 27 -10.17 -12.61 1.25
CA SER A 27 -9.55 -13.01 -0.01
C SER A 27 -9.58 -11.90 -1.05
N TRP A 28 -10.44 -10.90 -0.89
CA TRP A 28 -10.57 -9.80 -1.83
C TRP A 28 -9.88 -8.53 -1.34
N LEU A 29 -9.06 -8.62 -0.31
CA LEU A 29 -8.38 -7.45 0.23
C LEU A 29 -7.40 -6.85 -0.76
N SER A 30 -6.60 -7.69 -1.43
CA SER A 30 -5.67 -7.19 -2.44
C SER A 30 -6.39 -6.54 -3.62
N THR A 31 -7.48 -7.14 -4.08
CA THR A 31 -8.25 -6.53 -5.16
C THR A 31 -8.81 -5.17 -4.74
N ILE A 32 -9.34 -5.08 -3.53
CA ILE A 32 -9.86 -3.81 -3.03
C ILE A 32 -8.76 -2.77 -2.94
N GLY A 33 -7.58 -3.16 -2.43
CA GLY A 33 -6.47 -2.23 -2.35
C GLY A 33 -6.00 -1.74 -3.70
N ILE A 34 -5.87 -2.64 -4.67
CA ILE A 34 -5.47 -2.22 -6.01
C ILE A 34 -6.53 -1.33 -6.64
N THR A 35 -7.81 -1.65 -6.44
CA THR A 35 -8.89 -0.83 -6.97
C THR A 35 -8.84 0.58 -6.39
N LEU A 36 -8.63 0.69 -5.07
CA LEU A 36 -8.49 2.01 -4.45
C LEU A 36 -7.27 2.74 -4.98
N GLY A 37 -6.13 2.06 -5.10
CA GLY A 37 -4.93 2.72 -5.60
C GLY A 37 -5.04 3.21 -7.02
N VAL A 38 -5.78 2.49 -7.86
CA VAL A 38 -5.96 2.91 -9.25
C VAL A 38 -7.03 4.00 -9.35
N MET A 39 -8.12 3.89 -8.59
CA MET A 39 -9.16 4.92 -8.64
C MET A 39 -8.70 6.22 -7.99
N ALA A 40 -7.70 6.18 -7.12
CA ALA A 40 -7.11 7.41 -6.59
C ALA A 40 -6.01 7.95 -7.50
N LEU A 41 -5.31 7.08 -8.22
CA LEU A 41 -4.30 7.51 -9.16
C LEU A 41 -4.91 8.10 -10.43
N VAL A 42 -6.11 7.66 -10.80
CA VAL A 42 -6.73 8.14 -12.03
C VAL A 42 -7.39 9.49 -11.83
N THR A 43 -8.16 9.64 -10.74
CA THR A 43 -8.95 10.86 -10.56
C THR A 43 -8.07 12.08 -10.36
N VAL A 44 -7.04 11.98 -9.52
CA VAL A 44 -6.20 13.13 -9.23
C VAL A 44 -5.42 13.56 -10.47
N LEU A 45 -4.86 12.60 -11.21
CA LEU A 45 -4.15 12.94 -12.43
C LEU A 45 -5.08 13.44 -13.53
N SER A 46 -6.32 12.97 -13.57
CA SER A 46 -7.31 13.57 -14.46
C SER A 46 -7.62 15.02 -14.09
N VAL A 47 -7.70 15.33 -12.81
CA VAL A 47 -7.90 16.71 -12.37
C VAL A 47 -6.70 17.57 -12.74
N MET A 48 -5.49 17.05 -12.57
CA MET A 48 -4.30 17.77 -13.01
C MET A 48 -4.28 17.97 -14.52
N ASN A 49 -4.71 16.96 -15.29
CA ASN A 49 -4.83 17.13 -16.73
C ASN A 49 -5.86 18.19 -17.07
N GLY A 50 -6.95 18.28 -16.30
CA GLY A 50 -7.91 19.35 -16.48
C GLY A 50 -7.35 20.73 -16.22
N PHE A 51 -6.56 20.89 -15.16
CA PHE A 51 -5.85 22.17 -14.98
C PHE A 51 -4.88 22.44 -16.12
N GLU A 52 -4.15 21.43 -16.57
CA GLU A 52 -3.18 21.63 -17.65
C GLU A 52 -3.86 22.03 -18.95
N ARG A 53 -5.01 21.44 -19.25
CA ARG A 53 -5.74 21.79 -20.46
C ARG A 53 -6.22 23.23 -20.41
N GLU A 54 -6.71 23.68 -19.26
CA GLU A 54 -7.13 25.08 -19.12
C GLU A 54 -5.94 26.02 -19.22
N LEU A 55 -4.80 25.64 -18.64
CA LEU A 55 -3.61 26.47 -18.73
C LEU A 55 -3.10 26.58 -20.16
N GLN A 56 -3.16 25.47 -20.91
CA GLN A 56 -2.71 25.47 -22.29
C GLN A 56 -3.67 26.23 -23.20
N ASN A 57 -4.97 26.13 -22.93
CA ASN A 57 -5.98 26.81 -23.73
C ASN A 57 -6.05 28.31 -23.44
N ASN A 58 -5.37 28.79 -22.40
CA ASN A 58 -5.36 30.20 -22.06
C ASN A 58 -4.01 30.86 -22.28
N ILE A 59 -2.95 30.09 -22.51
CA ILE A 59 -1.62 30.64 -22.70
C ILE A 59 -1.08 30.19 -24.06
N LEU A 60 -0.96 28.88 -24.25
CA LEU A 60 -0.44 28.36 -25.52
C LEU A 60 -1.45 28.55 -26.66
N GLY A 61 -2.74 28.50 -26.36
CA GLY A 61 -3.75 28.67 -27.39
C GLY A 61 -3.96 30.10 -27.84
N LEU A 62 -3.37 31.06 -27.15
CA LEU A 62 -3.49 32.47 -27.49
C LEU A 62 -2.17 33.10 -27.88
N MET A 63 -1.11 32.31 -28.01
CA MET A 63 0.21 32.76 -28.40
C MET A 63 0.75 31.86 -29.50
N PRO A 64 1.70 32.34 -30.30
CA PRO A 64 2.26 31.49 -31.36
C PRO A 64 2.98 30.28 -30.76
N GLN A 65 2.40 29.10 -30.99
CA GLN A 65 2.97 27.87 -30.44
C GLN A 65 4.33 27.57 -31.07
N ALA A 66 4.40 27.61 -32.39
CA ALA A 66 5.64 27.31 -33.10
C ALA A 66 5.76 28.19 -34.33
N ILE A 67 6.99 28.57 -34.65
CA ILE A 67 7.28 29.39 -35.81
C ILE A 67 8.41 28.75 -36.61
N LEU A 68 8.30 28.89 -37.93
CA LEU A 68 9.31 28.43 -38.88
C LEU A 68 9.92 29.68 -39.49
N SER A 69 11.20 29.91 -39.21
CA SER A 69 11.91 31.09 -39.67
C SER A 69 13.12 30.69 -40.51
N SER A 70 13.94 31.68 -40.82
CA SER A 70 15.21 31.44 -41.49
C SER A 70 16.38 31.77 -40.57
N GLU A 71 17.45 31.00 -40.71
CA GLU A 71 18.63 31.20 -39.86
C GLU A 71 19.33 32.52 -40.15
N HIS A 72 19.20 33.06 -41.37
CA HIS A 72 19.79 34.34 -41.73
C HIS A 72 18.81 35.49 -41.52
N GLY A 73 18.25 35.57 -40.31
CA GLY A 73 17.32 36.64 -39.99
C GLY A 73 15.91 36.37 -40.44
N SER A 74 15.41 37.19 -41.37
CA SER A 74 14.04 37.08 -41.85
C SER A 74 13.93 35.99 -42.91
N LEU A 75 12.71 35.66 -43.30
CA LEU A 75 12.46 34.61 -44.29
C LEU A 75 11.63 35.20 -45.42
N ASN A 76 12.12 35.06 -46.65
CA ASN A 76 11.37 35.55 -47.80
C ASN A 76 10.22 34.60 -48.13
N PRO A 77 8.98 35.09 -48.15
CA PRO A 77 7.85 34.20 -48.48
C PRO A 77 7.94 33.59 -49.88
N GLN A 78 8.58 34.28 -50.83
CA GLN A 78 8.72 33.71 -52.16
C GLN A 78 9.58 32.45 -52.16
N GLN A 79 10.64 32.43 -51.36
CA GLN A 79 11.52 31.27 -51.30
C GLN A 79 10.93 30.13 -50.46
N LEU A 80 9.88 30.40 -49.69
CA LEU A 80 9.23 29.38 -48.88
C LEU A 80 7.77 29.74 -48.70
N PRO A 81 6.93 29.42 -49.69
CA PRO A 81 5.51 29.76 -49.59
C PRO A 81 4.74 28.81 -48.70
N GLU A 82 3.42 29.00 -48.61
CA GLU A 82 2.59 28.13 -47.78
C GLU A 82 2.51 26.72 -48.33
N THR A 83 2.73 26.53 -49.64
CA THR A 83 2.70 25.19 -50.22
C THR A 83 3.95 24.40 -49.89
N ALA A 84 5.04 25.06 -49.51
CA ALA A 84 6.29 24.37 -49.21
C ALA A 84 6.36 23.83 -47.79
N VAL A 85 5.38 24.14 -46.94
CA VAL A 85 5.36 23.66 -45.57
C VAL A 85 4.26 22.61 -45.43
N LYS A 86 4.67 21.39 -45.08
CA LYS A 86 3.76 20.27 -44.84
C LYS A 86 4.23 19.47 -43.64
N LEU A 87 4.63 20.17 -42.58
CA LEU A 87 5.17 19.52 -41.41
C LEU A 87 4.09 18.74 -40.67
N ASP A 88 4.53 17.69 -39.97
CA ASP A 88 3.61 16.83 -39.24
C ASP A 88 3.07 17.54 -38.01
N GLY A 89 1.80 17.29 -37.70
CA GLY A 89 1.14 17.88 -36.56
C GLY A 89 0.64 19.30 -36.78
N VAL A 90 0.78 19.84 -37.99
CA VAL A 90 0.39 21.20 -38.28
C VAL A 90 -0.96 21.20 -38.99
N ASN A 91 -1.86 22.05 -38.54
CA ASN A 91 -3.17 22.20 -39.15
C ASN A 91 -3.44 23.60 -39.70
N ARG A 92 -2.55 24.56 -39.44
CA ARG A 92 -2.73 25.92 -39.94
C ARG A 92 -1.38 26.63 -39.94
N VAL A 93 -1.09 27.32 -41.03
CA VAL A 93 0.14 28.08 -41.18
C VAL A 93 -0.22 29.47 -41.68
N ALA A 94 0.26 30.50 -40.98
CA ALA A 94 -0.01 31.89 -41.37
C ALA A 94 1.25 32.73 -41.19
N PRO A 95 1.51 33.68 -42.08
CA PRO A 95 2.67 34.55 -41.91
C PRO A 95 2.52 35.41 -40.66
N ILE A 96 3.65 35.69 -40.01
CA ILE A 96 3.64 36.52 -38.81
C ILE A 96 5.01 37.14 -38.63
N THR A 97 5.05 38.27 -37.92
CA THR A 97 6.32 38.85 -37.47
C THR A 97 6.27 39.03 -35.97
N THR A 98 7.39 38.77 -35.30
CA THR A 98 7.47 38.81 -33.85
C THR A 98 8.71 39.58 -33.41
N GLY A 99 8.67 40.07 -32.17
CA GLY A 99 9.77 40.79 -31.59
C GLY A 99 9.47 41.31 -30.20
N ASP A 100 10.49 41.32 -29.34
CA ASP A 100 10.34 41.79 -27.97
C ASP A 100 10.56 43.29 -27.98
N VAL A 101 9.47 44.05 -28.12
CA VAL A 101 9.54 45.49 -28.24
C VAL A 101 9.29 46.13 -26.88
N VAL A 102 9.65 47.42 -26.78
CA VAL A 102 9.50 48.20 -25.56
C VAL A 102 8.53 49.33 -25.84
N LEU A 103 7.57 49.53 -24.93
CA LEU A 103 6.56 50.56 -25.11
C LEU A 103 7.08 51.91 -24.64
N GLN A 104 6.37 52.97 -25.04
CA GLN A 104 6.71 54.32 -24.61
C GLN A 104 5.44 55.15 -24.68
N SER A 105 4.83 55.41 -23.53
CA SER A 105 3.62 56.21 -23.45
C SER A 105 3.93 57.58 -22.84
N ALA A 106 2.90 58.42 -22.74
CA ALA A 106 3.05 59.74 -22.16
C ALA A 106 3.21 59.70 -20.65
N ARG A 107 2.89 58.58 -20.01
CA ARG A 107 2.99 58.43 -18.56
C ARG A 107 4.03 57.42 -18.11
N SER A 108 4.15 56.28 -18.79
CA SER A 108 5.10 55.26 -18.41
C SER A 108 5.53 54.48 -19.66
N VAL A 109 6.41 53.50 -19.45
CA VAL A 109 6.89 52.63 -20.50
C VAL A 109 6.71 51.18 -20.07
N ALA A 110 6.65 50.29 -21.05
CA ALA A 110 6.41 48.88 -20.77
C ALA A 110 7.12 48.04 -21.83
N VAL A 111 7.04 46.72 -21.67
CA VAL A 111 7.63 45.77 -22.61
C VAL A 111 6.51 44.94 -23.20
N GLY A 112 6.83 44.14 -24.21
CA GLY A 112 5.86 43.19 -24.73
C GLY A 112 6.27 42.63 -26.06
N VAL A 113 5.73 41.47 -26.38
CA VAL A 113 5.97 40.84 -27.66
C VAL A 113 4.97 41.38 -28.68
N MET A 114 5.45 41.57 -29.91
CA MET A 114 4.63 42.11 -30.98
C MET A 114 4.19 40.99 -31.91
N LEU A 115 2.93 41.02 -32.31
CA LEU A 115 2.39 40.04 -33.26
C LEU A 115 1.90 40.81 -34.49
N GLY A 116 2.73 40.82 -35.53
CA GLY A 116 2.35 41.42 -36.79
C GLY A 116 1.68 40.39 -37.68
N ILE A 117 0.39 40.57 -37.92
CA ILE A 117 -0.43 39.58 -38.61
C ILE A 117 -1.15 40.25 -39.77
N ASP A 118 -1.65 39.43 -40.68
CA ASP A 118 -2.46 39.90 -41.78
C ASP A 118 -3.89 40.15 -41.30
N PRO A 119 -4.42 41.37 -41.48
CA PRO A 119 -5.78 41.65 -41.00
C PRO A 119 -6.86 40.82 -41.68
N ALA A 120 -6.61 40.32 -42.89
CA ALA A 120 -7.61 39.53 -43.59
C ALA A 120 -7.84 38.17 -42.93
N GLN A 121 -6.76 37.50 -42.52
CA GLN A 121 -6.87 36.18 -41.92
C GLN A 121 -7.32 36.28 -40.46
N LYS A 122 -7.87 35.17 -39.97
CA LYS A 122 -8.38 35.10 -38.61
C LYS A 122 -7.22 34.92 -37.62
N ASP A 123 -7.46 35.33 -36.38
CA ASP A 123 -6.46 35.23 -35.32
C ASP A 123 -7.13 34.63 -34.09
N PRO A 124 -6.39 33.89 -33.27
CA PRO A 124 -7.00 33.35 -32.03
C PRO A 124 -7.51 34.42 -31.08
N LEU A 125 -6.99 35.64 -31.15
CA LEU A 125 -7.42 36.74 -30.30
C LEU A 125 -8.55 37.55 -30.92
N THR A 126 -9.06 37.13 -32.08
CA THR A 126 -10.13 37.89 -32.73
C THR A 126 -11.39 37.97 -31.88
N PRO A 127 -11.94 36.88 -31.33
CA PRO A 127 -13.19 37.01 -30.55
C PRO A 127 -13.08 37.85 -29.31
N TYR A 128 -11.88 38.00 -28.73
CA TYR A 128 -11.70 38.81 -27.53
C TYR A 128 -11.32 40.25 -27.86
N LEU A 129 -12.13 40.90 -28.69
CA LEU A 129 -11.91 42.28 -29.09
C LEU A 129 -13.02 43.17 -28.52
N VAL A 130 -12.64 44.37 -28.11
CA VAL A 130 -13.56 45.32 -27.48
C VAL A 130 -13.66 46.53 -28.39
N ASN A 131 -14.74 46.61 -29.17
CA ASN A 131 -15.03 47.75 -30.04
C ASN A 131 -13.88 48.01 -31.03
N VAL A 132 -13.26 46.94 -31.53
CA VAL A 132 -12.15 47.05 -32.46
C VAL A 132 -12.41 46.14 -33.64
N LYS A 133 -12.25 46.66 -34.86
CA LYS A 133 -12.34 45.87 -36.07
C LYS A 133 -10.95 45.44 -36.50
N GLN A 134 -10.80 44.14 -36.78
CA GLN A 134 -9.49 43.62 -37.14
C GLN A 134 -9.00 44.15 -38.48
N THR A 135 -9.94 44.56 -39.35
CA THR A 135 -9.57 45.10 -40.65
C THR A 135 -8.97 46.50 -40.58
N ASP A 136 -9.05 47.16 -39.41
CA ASP A 136 -8.49 48.50 -39.28
C ASP A 136 -6.97 48.51 -39.29
N LEU A 137 -6.34 47.37 -39.08
CA LEU A 137 -4.87 47.28 -39.07
C LEU A 137 -4.39 47.31 -40.51
N GLU A 138 -4.24 48.52 -41.05
CA GLU A 138 -3.79 48.69 -42.42
C GLU A 138 -2.35 49.18 -42.46
N PRO A 139 -1.58 48.81 -43.48
CA PRO A 139 -0.21 49.32 -43.59
C PRO A 139 -0.19 50.82 -43.81
N GLY A 140 0.85 51.47 -43.28
CA GLY A 140 1.02 52.89 -43.37
C GLY A 140 0.36 53.67 -42.24
N LYS A 141 -0.82 53.25 -41.80
CA LYS A 141 -1.50 53.90 -40.69
C LYS A 141 -0.83 53.61 -39.34
N TYR A 142 -0.07 52.51 -39.26
CA TYR A 142 0.66 52.14 -38.04
C TYR A 142 -0.29 52.00 -36.84
N ASN A 143 -1.44 51.39 -37.08
CA ASN A 143 -2.38 51.14 -36.01
C ASN A 143 -1.89 49.98 -35.13
N VAL A 144 -2.32 49.98 -33.88
CA VAL A 144 -1.87 49.00 -32.91
C VAL A 144 -2.99 48.76 -31.90
N ILE A 145 -3.15 47.52 -31.47
CA ILE A 145 -4.15 47.13 -30.48
C ILE A 145 -3.39 46.63 -29.26
N LEU A 146 -3.48 47.36 -28.16
CA LEU A 146 -2.78 46.98 -26.94
C LEU A 146 -3.65 46.01 -26.12
N GLY A 147 -3.02 45.38 -25.13
CA GLY A 147 -3.74 44.49 -24.25
C GLY A 147 -4.56 45.22 -23.20
N GLU A 148 -5.54 44.51 -22.64
CA GLU A 148 -6.38 45.11 -21.63
C GLU A 148 -5.59 45.46 -20.37
N GLN A 149 -4.71 44.55 -19.93
CA GLN A 149 -3.85 44.80 -18.78
C GLN A 149 -2.58 45.54 -19.15
N LEU A 150 -2.27 45.66 -20.43
CA LEU A 150 -1.11 46.44 -20.87
C LEU A 150 -1.44 47.92 -20.99
N ALA A 151 -2.59 48.25 -21.55
CA ALA A 151 -3.03 49.63 -21.64
C ALA A 151 -3.52 50.19 -20.30
N SER A 152 -4.01 49.33 -19.41
CA SER A 152 -4.46 49.81 -18.11
C SER A 152 -3.30 50.36 -17.28
N GLN A 153 -2.15 49.67 -17.30
CA GLN A 153 -0.97 50.16 -16.60
C GLN A 153 -0.21 51.22 -17.37
N LEU A 154 -0.49 51.38 -18.66
CA LEU A 154 0.13 52.42 -19.46
C LEU A 154 -0.68 53.71 -19.50
N GLY A 155 -1.90 53.69 -18.97
CA GLY A 155 -2.75 54.86 -18.99
C GLY A 155 -3.07 55.33 -20.39
N VAL A 156 -3.37 54.38 -21.28
CA VAL A 156 -3.60 54.67 -22.70
C VAL A 156 -5.01 54.22 -23.06
N ASN A 157 -5.79 55.14 -23.61
CA ASN A 157 -7.10 54.86 -24.16
C ASN A 157 -7.06 55.03 -25.67
N ARG A 158 -8.20 54.82 -26.32
CA ARG A 158 -8.27 54.95 -27.77
C ARG A 158 -7.99 56.39 -28.19
N GLY A 159 -7.28 56.55 -29.30
CA GLY A 159 -6.91 57.85 -29.80
C GLY A 159 -5.57 58.39 -29.30
N ASP A 160 -4.81 57.60 -28.55
CA ASP A 160 -3.53 58.03 -28.04
C ASP A 160 -2.42 57.58 -28.99
N GLN A 161 -1.18 57.92 -28.64
CA GLN A 161 -0.02 57.59 -29.47
C GLN A 161 1.07 56.99 -28.59
N ILE A 162 1.84 56.07 -29.16
CA ILE A 162 2.95 55.43 -28.47
C ILE A 162 4.18 55.47 -29.36
N ARG A 163 5.31 55.03 -28.79
CA ARG A 163 6.61 55.11 -29.45
C ARG A 163 7.32 53.76 -29.33
N VAL A 164 6.61 52.70 -29.73
CA VAL A 164 7.12 51.34 -29.73
C VAL A 164 8.52 51.29 -30.35
N MET A 165 9.47 50.72 -29.62
CA MET A 165 10.87 50.66 -30.03
C MET A 165 11.34 49.21 -29.99
N VAL A 166 12.20 48.87 -30.95
CA VAL A 166 12.72 47.52 -31.10
C VAL A 166 14.21 47.55 -30.79
N PRO A 167 14.63 47.14 -29.59
CA PRO A 167 16.05 47.16 -29.26
C PRO A 167 16.79 45.96 -29.84
N SER A 168 16.10 44.82 -29.94
CA SER A 168 16.73 43.60 -30.46
C SER A 168 17.09 43.75 -31.94
N ALA A 169 16.21 44.33 -32.73
CA ALA A 169 16.43 44.53 -34.16
C ALA A 169 16.83 45.97 -34.47
N SER A 170 17.59 46.60 -33.58
CA SER A 170 18.02 47.98 -33.80
C SER A 170 18.99 48.05 -34.98
N GLN A 171 18.84 49.11 -35.79
CA GLN A 171 19.73 49.35 -36.92
C GLN A 171 21.07 49.84 -36.37
N PHE A 172 22.05 48.95 -36.27
CA PHE A 172 23.35 49.26 -35.70
C PHE A 172 24.15 50.09 -36.69
N THR A 173 23.87 51.38 -36.70
CA THR A 173 24.61 52.30 -37.56
C THR A 173 26.03 52.49 -37.04
N PRO A 174 26.99 52.79 -37.93
CA PRO A 174 28.37 52.99 -37.48
C PRO A 174 28.55 54.18 -36.54
N MET A 175 27.61 55.12 -36.52
CA MET A 175 27.71 56.29 -35.64
C MET A 175 27.13 56.01 -34.25
N GLY A 176 27.60 54.95 -33.63
CA GLY A 176 27.14 54.56 -32.29
C GLY A 176 26.03 53.54 -32.36
N ARG A 177 24.91 53.84 -31.71
CA ARG A 177 23.76 52.94 -31.69
C ARG A 177 22.49 53.77 -31.54
N ILE A 178 21.68 53.81 -32.59
CA ILE A 178 20.39 54.49 -32.58
C ILE A 178 19.31 53.42 -32.76
N PRO A 179 18.43 53.21 -31.78
CA PRO A 179 17.41 52.18 -31.91
C PRO A 179 16.33 52.55 -32.91
N SER A 180 15.79 51.53 -33.57
CA SER A 180 14.69 51.74 -34.51
C SER A 180 13.39 51.92 -33.76
N GLN A 181 12.66 52.99 -34.08
CA GLN A 181 11.41 53.29 -33.42
C GLN A 181 10.49 54.02 -34.39
N ARG A 182 9.19 53.97 -34.08
CA ARG A 182 8.18 54.66 -34.87
C ARG A 182 7.14 55.23 -33.91
N LEU A 183 6.07 55.79 -34.47
CA LEU A 183 4.99 56.39 -33.69
C LEU A 183 3.70 55.68 -34.07
N PHE A 184 3.26 54.76 -33.21
CA PHE A 184 2.03 54.03 -33.42
C PHE A 184 0.87 54.69 -32.70
N ASN A 185 -0.30 54.69 -33.34
CA ASN A 185 -1.51 55.22 -32.76
C ASN A 185 -2.46 54.08 -32.43
N VAL A 186 -2.93 54.05 -31.19
CA VAL A 186 -3.80 52.96 -30.75
C VAL A 186 -5.21 53.17 -31.28
N ILE A 187 -5.92 52.06 -31.46
CA ILE A 187 -7.32 52.08 -31.90
C ILE A 187 -8.24 51.34 -30.93
N GLY A 188 -7.72 50.84 -29.83
CA GLY A 188 -8.52 50.11 -28.86
C GLY A 188 -7.75 49.02 -28.16
N THR A 189 -8.38 48.32 -27.23
CA THR A 189 -7.75 47.27 -26.46
C THR A 189 -8.54 45.97 -26.61
N PHE A 190 -7.85 44.86 -26.38
CA PHE A 190 -8.46 43.54 -26.41
C PHE A 190 -8.32 42.89 -25.04
N ALA A 191 -9.40 42.27 -24.58
CA ALA A 191 -9.47 41.65 -23.26
C ALA A 191 -9.72 40.15 -23.45
N ALA A 192 -8.68 39.35 -23.28
CA ALA A 192 -8.77 37.90 -23.42
C ALA A 192 -8.92 37.17 -22.11
N ASN A 193 -8.95 37.90 -20.98
CA ASN A 193 -9.11 37.30 -19.65
C ASN A 193 -8.05 36.23 -19.39
N SER A 194 -6.81 36.55 -19.71
CA SER A 194 -5.70 35.64 -19.51
C SER A 194 -4.46 36.47 -19.16
N GLU A 195 -3.31 35.81 -19.12
CA GLU A 195 -2.05 36.47 -18.77
C GLU A 195 -1.35 37.08 -19.98
N VAL A 196 -1.87 36.86 -21.19
CA VAL A 196 -1.25 37.43 -22.39
C VAL A 196 -1.73 38.84 -22.67
N ASP A 197 -2.57 39.41 -21.82
CA ASP A 197 -3.10 40.75 -22.00
C ASP A 197 -2.18 41.83 -21.43
N GLY A 198 -0.95 41.47 -21.07
CA GLY A 198 -0.03 42.44 -20.50
C GLY A 198 1.26 42.59 -21.28
N TYR A 199 1.50 41.68 -22.23
CA TYR A 199 2.74 41.74 -23.00
C TYR A 199 2.52 41.41 -24.48
N GLU A 200 1.30 41.44 -24.97
CA GLU A 200 1.01 41.14 -26.37
C GLU A 200 0.22 42.27 -27.00
N MET A 201 0.69 42.72 -28.16
CA MET A 201 -0.05 43.69 -28.96
C MET A 201 0.00 43.27 -30.42
N LEU A 202 -1.09 43.56 -31.12
CA LEU A 202 -1.32 43.12 -32.49
C LEU A 202 -1.10 44.28 -33.44
N VAL A 203 -0.27 44.08 -34.46
CA VAL A 203 -0.02 45.10 -35.47
C VAL A 203 -0.12 44.48 -36.86
N ASN A 204 -0.02 45.31 -37.89
CA ASN A 204 -0.05 44.83 -39.26
C ASN A 204 1.20 44.00 -39.56
N ILE A 205 1.04 43.08 -40.51
CA ILE A 205 2.14 42.20 -40.89
C ILE A 205 3.26 43.00 -41.56
N GLU A 206 2.92 44.03 -42.33
CA GLU A 206 3.90 44.84 -43.03
C GLU A 206 4.42 45.92 -42.09
N ASP A 207 5.66 45.77 -41.63
CA ASP A 207 6.29 46.76 -40.76
C ASP A 207 7.79 46.69 -40.96
N ALA A 208 8.40 47.85 -41.23
CA ALA A 208 9.85 47.95 -41.41
C ALA A 208 10.55 48.37 -40.12
N SER A 209 9.85 48.33 -38.99
CA SER A 209 10.42 48.74 -37.72
C SER A 209 11.48 47.79 -37.19
N ARG A 210 11.59 46.59 -37.77
CA ARG A 210 12.57 45.61 -37.32
C ARG A 210 13.68 45.39 -38.34
N LEU A 211 13.33 45.04 -39.58
CA LEU A 211 14.32 44.82 -40.62
C LEU A 211 13.61 44.76 -41.96
N MET A 212 14.31 45.18 -43.01
CA MET A 212 13.79 45.17 -44.38
C MET A 212 12.47 45.93 -44.50
N GLY A 217 10.61 43.60 -48.12
CA GLY A 217 9.21 43.36 -47.78
C GLY A 217 8.93 41.92 -47.42
N ASN A 218 9.84 41.31 -46.67
CA ASN A 218 9.71 39.93 -46.24
C ASN A 218 9.19 39.86 -44.81
N ILE A 219 9.02 38.63 -44.32
CA ILE A 219 8.50 38.39 -42.99
C ILE A 219 9.56 37.63 -42.18
N THR A 220 9.37 37.61 -40.86
CA THR A 220 10.26 36.85 -40.00
C THR A 220 10.01 35.36 -40.16
N GLY A 221 8.74 34.95 -40.23
CA GLY A 221 8.46 33.54 -40.37
C GLY A 221 6.99 33.21 -40.43
N TRP A 222 6.72 31.90 -40.46
CA TRP A 222 5.38 31.36 -40.52
C TRP A 222 5.02 30.79 -39.15
N ARG A 223 3.97 31.35 -38.54
CA ARG A 223 3.40 30.80 -37.31
C ARG A 223 2.54 29.61 -37.70
N LEU A 224 2.85 28.43 -37.16
CA LEU A 224 2.13 27.21 -37.46
C LEU A 224 1.42 26.70 -36.22
N TRP A 225 0.16 26.31 -36.39
CA TRP A 225 -0.64 25.80 -35.29
C TRP A 225 -0.31 24.32 -35.04
N LEU A 226 -0.67 23.86 -33.85
CA LEU A 226 -0.43 22.47 -33.47
C LEU A 226 -1.70 21.89 -32.85
N ASP A 227 -2.01 20.66 -33.26
CA ASP A 227 -3.15 19.96 -32.67
C ASP A 227 -2.86 19.57 -31.22
N GLU A 228 -1.62 19.19 -30.93
CA GLU A 228 -1.18 18.88 -29.57
C GLU A 228 0.07 19.69 -29.30
N PRO A 229 -0.08 20.93 -28.82
CA PRO A 229 1.08 21.81 -28.64
C PRO A 229 1.97 21.46 -27.46
N LEU A 230 1.66 20.39 -26.73
CA LEU A 230 2.48 19.96 -25.59
C LEU A 230 3.54 18.94 -25.98
N LYS A 231 3.65 18.59 -27.25
CA LYS A 231 4.65 17.62 -27.69
C LYS A 231 5.56 18.23 -28.75
N VAL A 232 5.96 19.48 -28.55
CA VAL A 232 6.89 20.13 -29.48
C VAL A 232 8.26 19.49 -29.46
N ASP A 233 8.72 18.99 -28.31
CA ASP A 233 10.02 18.35 -28.23
C ASP A 233 10.12 17.11 -29.10
N SER A 234 8.99 16.50 -29.46
CA SER A 234 8.99 15.37 -30.37
C SER A 234 8.87 15.80 -31.83
N LEU A 235 8.24 16.93 -32.11
CA LEU A 235 8.08 17.43 -33.46
C LEU A 235 9.23 18.33 -33.90
N SER A 236 10.17 18.62 -33.02
CA SER A 236 11.26 19.54 -33.31
C SER A 236 12.43 18.86 -34.04
N GLN A 237 12.36 17.56 -34.29
CA GLN A 237 13.45 16.84 -34.94
C GLN A 237 13.07 16.28 -36.30
N GLN A 238 11.87 16.57 -36.80
CA GLN A 238 11.47 16.05 -38.10
C GLN A 238 12.17 16.82 -39.21
N LYS A 239 12.04 16.30 -40.44
CA LYS A 239 12.75 16.85 -41.59
C LYS A 239 12.12 18.18 -41.97
N LEU A 240 12.77 19.27 -41.60
CA LEU A 240 12.32 20.61 -41.97
C LEU A 240 12.85 20.98 -43.36
N PRO A 241 12.19 21.93 -44.03
CA PRO A 241 12.75 22.44 -45.29
C PRO A 241 14.12 23.05 -45.07
N GLU A 242 14.97 22.90 -46.08
CA GLU A 242 16.35 23.36 -45.97
C GLU A 242 16.41 24.88 -45.83
N GLY A 243 17.45 25.35 -45.15
CA GLY A 243 17.60 26.77 -44.89
C GLY A 243 16.52 27.37 -44.01
N SER A 244 16.11 26.65 -42.97
CA SER A 244 15.05 27.09 -42.08
C SER A 244 15.38 26.69 -40.65
N LYS A 245 14.76 27.39 -39.71
CA LYS A 245 14.97 27.16 -38.28
C LYS A 245 13.61 27.05 -37.60
N TRP A 246 13.57 26.25 -36.53
CA TRP A 246 12.35 25.97 -35.79
C TRP A 246 12.43 26.65 -34.43
N GLN A 247 11.40 27.41 -34.08
CA GLN A 247 11.29 28.02 -32.75
C GLN A 247 9.93 27.68 -32.17
N ASP A 248 9.84 27.65 -30.84
CA ASP A 248 8.62 27.25 -30.18
C ASP A 248 8.40 28.14 -28.96
N TRP A 249 7.40 27.78 -28.16
CA TRP A 249 7.06 28.51 -26.95
C TRP A 249 7.93 28.13 -25.76
N ARG A 250 8.85 27.17 -25.93
CA ARG A 250 9.74 26.75 -24.85
C ARG A 250 10.81 27.79 -24.54
N ASP A 251 10.85 28.90 -25.28
CA ASP A 251 11.75 30.00 -24.98
C ASP A 251 11.14 31.01 -24.01
N ARG A 252 9.85 31.28 -24.12
CA ARG A 252 9.17 32.16 -23.17
C ARG A 252 8.50 31.37 -22.06
N LYS A 253 7.57 30.50 -22.40
CA LYS A 253 6.91 29.62 -21.43
C LYS A 253 7.61 28.26 -21.38
N GLY A 254 8.92 28.26 -21.20
CA GLY A 254 9.68 27.03 -21.13
C GLY A 254 9.77 26.39 -19.77
N GLU A 255 9.49 27.15 -18.71
CA GLU A 255 9.53 26.63 -17.35
C GLU A 255 8.16 26.47 -16.72
N LEU A 256 7.14 27.20 -17.22
CA LEU A 256 5.81 27.09 -16.65
C LEU A 256 5.18 25.74 -16.96
N PHE A 257 5.24 25.30 -18.22
CA PHE A 257 4.68 24.02 -18.60
C PHE A 257 5.60 22.85 -18.27
N GLN A 258 6.90 23.10 -18.10
CA GLN A 258 7.78 22.10 -17.54
C GLN A 258 7.52 21.86 -16.06
N ALA A 259 7.02 22.88 -15.36
CA ALA A 259 6.60 22.74 -13.97
C ALA A 259 5.38 21.84 -13.82
N VAL A 260 4.41 21.97 -14.72
CA VAL A 260 3.20 21.17 -14.62
C VAL A 260 3.49 19.69 -14.80
N ARG A 261 4.34 19.33 -15.77
CA ARG A 261 4.70 17.93 -15.96
C ARG A 261 5.43 17.36 -14.76
N MET A 262 6.35 18.14 -14.18
CA MET A 262 7.06 17.68 -12.98
C MET A 262 6.11 17.51 -11.80
N GLU A 263 5.17 18.43 -11.62
CA GLU A 263 4.18 18.30 -10.56
C GLU A 263 3.26 17.09 -10.77
N LYS A 264 2.85 16.84 -12.02
CA LYS A 264 2.09 15.63 -12.32
C LYS A 264 2.87 14.37 -12.03
N ASN A 265 4.15 14.32 -12.41
CA ASN A 265 4.98 13.16 -12.09
C ASN A 265 5.16 12.96 -10.59
N MET A 266 5.35 14.04 -9.83
CA MET A 266 5.44 13.94 -8.38
C MET A 266 4.14 13.48 -7.73
N MET A 267 3.00 14.00 -8.18
CA MET A 267 1.72 13.55 -7.63
C MET A 267 1.47 12.07 -7.98
N GLY A 268 1.79 11.68 -9.20
CA GLY A 268 1.65 10.28 -9.58
C GLY A 268 2.56 9.36 -8.80
N LEU A 269 3.80 9.79 -8.56
CA LEU A 269 4.71 9.00 -7.73
C LEU A 269 4.21 8.89 -6.29
N LEU A 270 3.66 9.99 -5.75
CA LEU A 270 3.09 9.93 -4.40
C LEU A 270 1.92 8.97 -4.34
N LEU A 271 1.03 9.01 -5.33
CA LEU A 271 -0.15 8.16 -5.33
C LEU A 271 0.16 6.71 -5.69
N SER A 272 1.27 6.44 -6.36
CA SER A 272 1.64 5.07 -6.69
C SER A 272 2.05 4.25 -5.48
N LEU A 273 2.25 4.88 -4.32
CA LEU A 273 2.54 4.14 -3.11
C LEU A 273 1.37 3.25 -2.69
N ILE A 274 0.14 3.64 -2.99
CA ILE A 274 -0.99 2.77 -2.70
C ILE A 274 -0.89 1.47 -3.50
N VAL A 275 -0.57 1.57 -4.79
CA VAL A 275 -0.42 0.38 -5.62
C VAL A 275 0.79 -0.42 -5.18
N ALA A 276 1.87 0.25 -4.80
CA ALA A 276 3.06 -0.47 -4.32
C ALA A 276 2.77 -1.25 -3.05
N VAL A 277 2.00 -0.67 -2.13
CA VAL A 277 1.64 -1.38 -0.90
C VAL A 277 0.64 -2.51 -1.19
N ALA A 278 -0.29 -2.28 -2.11
CA ALA A 278 -1.20 -3.34 -2.52
C ALA A 278 -0.46 -4.51 -3.16
N ALA A 279 0.64 -4.24 -3.87
CA ALA A 279 1.48 -5.30 -4.39
C ALA A 279 2.10 -6.13 -3.28
N PHE A 280 2.59 -5.48 -2.21
CA PHE A 280 3.07 -6.20 -1.03
C PHE A 280 1.97 -7.00 -0.36
N ASN A 281 0.74 -6.49 -0.40
CA ASN A 281 -0.39 -7.25 0.14
C ASN A 281 -0.58 -8.57 -0.61
N ILE A 282 -0.41 -8.55 -1.93
CA ILE A 282 -0.48 -9.79 -2.70
C ILE A 282 0.64 -10.75 -2.30
N ILE A 283 1.86 -10.23 -2.11
CA ILE A 283 2.96 -11.08 -1.68
C ILE A 283 2.65 -11.74 -0.35
N THR A 284 2.11 -10.98 0.60
CA THR A 284 1.74 -11.56 1.89
C THR A 284 0.63 -12.60 1.74
N SER A 285 -0.43 -12.27 1.01
CA SER A 285 -1.55 -13.18 0.85
C SER A 285 -1.16 -14.47 0.16
N LEU A 286 -0.15 -14.43 -0.71
CA LEU A 286 0.32 -15.63 -1.39
C LEU A 286 1.34 -16.41 -0.58
N GLY A 287 2.21 -15.74 0.17
CA GLY A 287 3.11 -16.44 1.07
C GLY A 287 2.37 -17.15 2.18
N LEU A 288 1.26 -16.56 2.65
CA LEU A 288 0.39 -17.22 3.61
C LEU A 288 -0.31 -18.43 3.01
N MET A 289 -0.71 -18.36 1.74
CA MET A 289 -1.38 -19.49 1.09
C MET A 289 -0.42 -20.62 0.76
N VAL A 290 0.84 -20.31 0.45
CA VAL A 290 1.81 -21.34 0.13
C VAL A 290 2.13 -22.18 1.36
N MET A 291 2.39 -21.51 2.50
CA MET A 291 2.73 -22.22 3.72
C MET A 291 1.56 -22.99 4.29
N GLU A 292 0.33 -22.62 3.94
CA GLU A 292 -0.85 -23.30 4.44
C GLU A 292 -1.28 -24.47 3.56
N LYS A 293 -0.96 -24.41 2.28
CA LYS A 293 -1.35 -25.44 1.31
C LYS A 293 -0.15 -26.26 0.83
N GLN A 294 0.79 -26.53 1.73
CA GLN A 294 1.93 -27.38 1.39
C GLN A 294 1.51 -28.80 1.06
N GLY A 295 0.57 -29.38 1.81
CA GLY A 295 0.11 -30.72 1.51
C GLY A 295 -0.57 -30.80 0.15
N GLU A 296 -1.38 -29.79 -0.19
CA GLU A 296 -1.99 -29.75 -1.51
C GLU A 296 -0.96 -29.66 -2.62
N VAL A 297 0.08 -28.85 -2.43
CA VAL A 297 1.15 -28.76 -3.43
C VAL A 297 1.85 -30.09 -3.59
N ALA A 298 2.17 -30.76 -2.47
CA ALA A 298 2.83 -32.05 -2.53
C ALA A 298 1.97 -33.09 -3.23
N ILE A 299 0.67 -33.11 -2.94
CA ILE A 299 -0.22 -34.08 -3.58
C ILE A 299 -0.31 -33.83 -5.08
N LEU A 300 -0.40 -32.56 -5.48
CA LEU A 300 -0.40 -32.24 -6.91
C LEU A 300 0.91 -32.66 -7.57
N GLN A 301 2.03 -32.45 -6.89
CA GLN A 301 3.31 -32.90 -7.44
C GLN A 301 3.34 -34.42 -7.61
N THR A 302 2.82 -35.16 -6.63
CA THR A 302 2.77 -36.61 -6.74
C THR A 302 1.82 -37.09 -7.81
N GLN A 303 0.71 -36.38 -8.06
CA GLN A 303 -0.25 -36.78 -9.07
C GLN A 303 0.23 -36.55 -10.49
N GLY A 304 1.29 -35.78 -10.68
CA GLY A 304 1.84 -35.58 -12.01
C GLY A 304 1.88 -34.14 -12.47
N LEU A 305 1.80 -33.20 -11.52
CA LEU A 305 1.86 -31.78 -11.85
C LEU A 305 3.30 -31.31 -11.72
N THR A 306 3.85 -30.78 -12.82
CA THR A 306 5.22 -30.30 -12.80
C THR A 306 5.33 -29.04 -11.96
N PRO A 307 6.51 -28.78 -11.38
CA PRO A 307 6.69 -27.54 -10.61
C PRO A 307 6.40 -26.27 -11.41
N ARG A 308 6.68 -26.28 -12.71
CA ARG A 308 6.34 -25.13 -13.55
C ARG A 308 4.84 -24.92 -13.68
N GLN A 309 4.03 -25.93 -13.38
CA GLN A 309 2.58 -25.78 -13.34
C GLN A 309 2.07 -25.33 -11.99
N ILE A 310 2.59 -25.89 -10.90
CA ILE A 310 2.23 -25.40 -9.57
C ILE A 310 2.72 -23.98 -9.31
N MET A 311 3.73 -23.53 -10.05
CA MET A 311 4.12 -22.12 -9.98
C MET A 311 3.04 -21.23 -10.58
N MET A 312 2.57 -21.57 -11.79
CA MET A 312 1.48 -20.83 -12.41
C MET A 312 0.17 -20.97 -11.66
N VAL A 313 0.00 -22.02 -10.86
CA VAL A 313 -1.20 -22.16 -10.05
C VAL A 313 -1.33 -20.98 -9.08
N PHE A 314 -0.24 -20.61 -8.42
CA PHE A 314 -0.24 -19.45 -7.54
C PHE A 314 0.02 -18.15 -8.27
N MET A 315 0.63 -18.20 -9.45
CA MET A 315 0.82 -16.98 -10.25
C MET A 315 -0.52 -16.38 -10.66
N VAL A 316 -1.46 -17.20 -11.11
CA VAL A 316 -2.78 -16.70 -11.48
C VAL A 316 -3.54 -16.17 -10.27
N GLN A 317 -3.34 -16.76 -9.09
CA GLN A 317 -4.01 -16.28 -7.88
C GLN A 317 -3.73 -14.80 -7.65
N GLY A 318 -2.56 -14.33 -8.04
CA GLY A 318 -2.23 -12.92 -7.95
C GLY A 318 -2.56 -12.13 -9.20
N ALA A 319 -2.33 -12.75 -10.37
CA ALA A 319 -2.60 -12.07 -11.63
C ALA A 319 -4.06 -11.72 -11.83
N SER A 320 -4.97 -12.65 -11.53
CA SER A 320 -6.40 -12.40 -11.65
C SER A 320 -6.89 -11.35 -10.68
N ALA A 321 -6.41 -11.36 -9.43
CA ALA A 321 -6.73 -10.29 -8.50
C ALA A 321 -6.22 -8.94 -8.97
N GLY A 322 -4.97 -8.88 -9.46
CA GLY A 322 -4.44 -7.63 -9.96
C GLY A 322 -5.19 -7.08 -11.16
N ILE A 323 -5.52 -7.94 -12.11
CA ILE A 323 -6.23 -7.49 -13.31
C ILE A 323 -7.63 -6.99 -12.94
N ILE A 324 -8.35 -7.76 -12.12
CA ILE A 324 -9.70 -7.38 -11.70
C ILE A 324 -9.72 -6.19 -10.76
N GLY A 325 -8.59 -5.89 -10.11
CA GLY A 325 -8.50 -4.69 -9.31
C GLY A 325 -8.19 -3.48 -10.16
N ALA A 326 -7.24 -3.62 -11.10
CA ALA A 326 -6.88 -2.51 -11.97
C ALA A 326 -8.02 -2.10 -12.89
N ILE A 327 -8.74 -3.06 -13.47
CA ILE A 327 -9.85 -2.71 -14.36
C ILE A 327 -10.93 -1.98 -13.59
N LEU A 328 -11.29 -2.48 -12.41
CA LEU A 328 -12.30 -1.81 -11.59
C LEU A 328 -11.84 -0.43 -11.13
N GLY A 329 -10.57 -0.29 -10.77
CA GLY A 329 -10.06 1.01 -10.36
C GLY A 329 -10.09 2.02 -11.49
N ALA A 330 -9.70 1.60 -12.70
CA ALA A 330 -9.80 2.47 -13.86
C ALA A 330 -11.24 2.86 -14.17
N ALA A 331 -12.16 1.90 -14.12
CA ALA A 331 -13.57 2.19 -14.36
C ALA A 331 -14.16 3.13 -13.32
N LEU A 332 -13.78 2.99 -12.06
CA LEU A 332 -14.26 3.88 -11.01
C LEU A 332 -13.61 5.25 -11.06
N GLY A 333 -12.35 5.33 -11.49
CA GLY A 333 -11.71 6.62 -11.63
C GLY A 333 -12.20 7.40 -12.83
N ALA A 334 -12.56 6.71 -13.91
CA ALA A 334 -13.16 7.37 -15.06
C ALA A 334 -14.58 7.83 -14.80
N LEU A 335 -15.20 7.40 -13.71
CA LEU A 335 -16.55 7.81 -13.35
C LEU A 335 -16.59 8.82 -12.22
N LEU A 336 -15.72 8.68 -11.22
CA LEU A 336 -15.68 9.65 -10.13
C LEU A 336 -15.27 11.03 -10.60
N ALA A 337 -14.27 11.11 -11.49
CA ALA A 337 -13.85 12.41 -12.01
C ALA A 337 -14.95 13.06 -12.84
N SER A 338 -15.65 12.28 -13.67
CA SER A 338 -16.74 12.84 -14.46
C SER A 338 -17.90 13.29 -13.58
N GLN A 339 -18.23 12.52 -12.55
CA GLN A 339 -19.33 12.84 -11.65
C GLN A 339 -18.84 13.48 -10.35
N LEU A 340 -17.70 14.17 -10.40
CA LEU A 340 -17.20 14.85 -9.22
C LEU A 340 -18.13 15.97 -8.77
N ASN A 341 -18.67 16.73 -9.73
CA ASN A 341 -19.62 17.80 -9.42
C ASN A 341 -20.78 17.82 -10.40
N ASN A 342 -21.18 16.65 -10.91
CA ASN A 342 -22.24 16.58 -11.91
C ASN A 342 -23.62 16.73 -11.25
N LEU A 343 -23.97 15.79 -10.36
CA LEU A 343 -25.23 15.90 -9.63
C LEU A 343 -25.09 16.89 -8.47
N MET A 344 -24.22 16.57 -7.52
CA MET A 344 -23.85 17.46 -6.44
C MET A 344 -22.35 17.45 -6.25
N PRO A 345 -21.77 18.57 -5.82
CA PRO A 345 -20.32 18.57 -5.53
C PRO A 345 -20.00 17.77 -4.29
N ILE A 346 -20.05 16.45 -4.39
CA ILE A 346 -19.81 15.59 -3.22
C ILE A 346 -18.29 15.39 -3.15
N ILE A 347 -17.62 16.40 -2.61
CA ILE A 347 -16.17 16.37 -2.44
C ILE A 347 -15.83 16.88 -1.06
N GLY A 348 -16.83 17.37 -0.33
CA GLY A 348 -16.53 18.23 0.81
C GLY A 348 -16.21 19.62 0.28
N VAL A 349 -17.23 20.27 -0.28
CA VAL A 349 -17.10 21.37 -1.24
C VAL A 349 -15.98 22.33 -0.87
N LEU A 350 -15.08 22.55 -1.83
CA LEU A 350 -13.93 23.42 -1.60
C LEU A 350 -14.34 24.89 -1.63
N LEU A 351 -13.55 25.72 -0.97
CA LEU A 351 -13.82 27.16 -0.91
C LEU A 351 -13.12 27.88 -2.06
N ASP A 352 -13.46 27.45 -3.28
CA ASP A 352 -12.90 28.04 -4.49
C ASP A 352 -13.96 28.58 -5.43
N GLY A 353 -15.06 27.87 -5.63
CA GLY A 353 -16.12 28.33 -6.49
C GLY A 353 -15.68 28.55 -7.93
N ALA A 354 -14.91 27.61 -8.47
CA ALA A 354 -14.34 27.75 -9.80
C ALA A 354 -14.74 26.66 -10.78
N ALA A 355 -15.67 25.77 -10.39
CA ALA A 355 -16.15 24.70 -11.27
C ALA A 355 -14.98 23.82 -11.74
N LEU A 356 -14.38 23.14 -10.75
CA LEU A 356 -13.18 22.31 -10.91
C LEU A 356 -13.20 21.49 -12.19
N PRO A 357 -12.26 21.70 -13.09
CA PRO A 357 -12.28 20.99 -14.37
C PRO A 357 -11.64 19.61 -14.27
N VAL A 358 -12.05 18.74 -15.19
CA VAL A 358 -11.50 17.40 -15.31
C VAL A 358 -11.18 17.14 -16.77
N ALA A 359 -10.23 16.23 -17.01
CA ALA A 359 -9.84 15.85 -18.37
C ALA A 359 -9.30 14.43 -18.31
N ILE A 360 -10.13 13.47 -18.71
CA ILE A 360 -9.74 12.06 -18.66
C ILE A 360 -9.00 11.71 -19.94
N GLU A 361 -7.73 11.34 -19.81
CA GLU A 361 -6.92 10.93 -20.95
C GLU A 361 -7.04 9.43 -21.15
N PRO A 362 -7.58 8.95 -22.27
CA PRO A 362 -7.72 7.50 -22.45
C PRO A 362 -6.40 6.74 -22.43
N LEU A 363 -5.32 7.33 -22.94
CA LEU A 363 -4.03 6.64 -22.94
C LEU A 363 -3.44 6.54 -21.54
N GLN A 364 -3.56 7.61 -20.74
CA GLN A 364 -3.02 7.61 -19.39
C GLN A 364 -3.72 6.58 -18.49
N VAL A 365 -5.04 6.44 -18.61
CA VAL A 365 -5.76 5.46 -17.81
C VAL A 365 -5.29 4.05 -18.16
N ILE A 366 -5.13 3.76 -19.45
CA ILE A 366 -4.65 2.45 -19.87
C ILE A 366 -3.23 2.21 -19.38
N VAL A 367 -2.37 3.23 -19.45
CA VAL A 367 -1.00 3.08 -18.95
C VAL A 367 -1.00 2.78 -17.46
N ILE A 368 -1.81 3.50 -16.69
CA ILE A 368 -1.87 3.28 -15.25
C ILE A 368 -2.38 1.87 -14.95
N ALA A 369 -3.44 1.44 -15.63
CA ALA A 369 -3.99 0.12 -15.42
C ALA A 369 -3.04 -0.99 -15.84
N LEU A 370 -2.20 -0.77 -16.87
CA LEU A 370 -1.19 -1.73 -17.25
C LEU A 370 -0.01 -1.79 -16.31
N VAL A 371 0.44 -0.64 -15.78
CA VAL A 371 1.49 -0.66 -14.77
C VAL A 371 1.02 -1.34 -13.50
N ALA A 372 -0.25 -1.13 -13.12
CA ALA A 372 -0.78 -1.83 -11.96
C ALA A 372 -0.76 -3.35 -12.15
N MET A 373 -1.20 -3.83 -13.31
CA MET A 373 -1.16 -5.26 -13.60
C MET A 373 0.27 -5.78 -13.64
N ALA A 374 1.19 -5.02 -14.23
CA ALA A 374 2.58 -5.45 -14.30
C ALA A 374 3.21 -5.57 -12.91
N ILE A 375 2.97 -4.59 -12.04
CA ILE A 375 3.51 -4.69 -10.69
C ILE A 375 2.84 -5.80 -9.88
N ALA A 376 1.54 -6.02 -10.07
CA ALA A 376 0.87 -7.13 -9.40
C ALA A 376 1.43 -8.47 -9.85
N LEU A 377 1.71 -8.64 -11.14
CA LEU A 377 2.32 -9.87 -11.63
C LEU A 377 3.76 -10.02 -11.15
N LEU A 378 4.51 -8.92 -11.09
CA LEU A 378 5.90 -8.98 -10.65
C LEU A 378 6.01 -9.33 -9.18
N SER A 379 5.11 -8.83 -8.34
CA SER A 379 5.16 -9.13 -6.92
C SER A 379 4.84 -10.59 -6.60
N THR A 380 4.31 -11.34 -7.56
CA THR A 380 3.89 -12.72 -7.34
C THR A 380 5.04 -13.72 -7.53
N LEU A 381 6.17 -13.28 -8.09
CA LEU A 381 7.21 -14.23 -8.50
C LEU A 381 7.75 -15.02 -7.33
N TYR A 382 8.15 -14.35 -6.25
CA TYR A 382 8.77 -15.04 -5.12
C TYR A 382 7.82 -16.01 -4.43
N PRO A 383 6.58 -15.64 -4.09
CA PRO A 383 5.68 -16.62 -3.48
C PRO A 383 5.41 -17.83 -4.36
N SER A 384 5.33 -17.64 -5.68
CA SER A 384 5.11 -18.77 -6.58
C SER A 384 6.35 -19.62 -6.72
N TRP A 385 7.54 -19.00 -6.73
CA TRP A 385 8.77 -19.76 -6.85
C TRP A 385 9.07 -20.56 -5.58
N ARG A 386 8.74 -20.01 -4.41
CA ARG A 386 8.95 -20.75 -3.16
C ARG A 386 8.03 -21.95 -3.03
N ALA A 387 6.88 -21.94 -3.70
CA ALA A 387 5.96 -23.06 -3.66
C ALA A 387 6.44 -24.24 -4.50
N ALA A 388 7.42 -24.04 -5.38
CA ALA A 388 7.95 -25.10 -6.22
C ALA A 388 9.42 -25.41 -5.99
N ALA A 389 10.17 -24.51 -5.36
CA ALA A 389 11.59 -24.76 -5.13
C ALA A 389 11.85 -25.83 -4.09
N THR A 390 10.95 -26.00 -3.11
CA THR A 390 11.16 -26.98 -2.06
C THR A 390 10.83 -28.39 -2.57
N GLN A 391 11.38 -29.37 -1.88
CA GLN A 391 11.11 -30.76 -2.22
C GLN A 391 9.64 -31.09 -1.94
N PRO A 392 8.96 -31.78 -2.86
CA PRO A 392 7.53 -32.07 -2.67
C PRO A 392 7.25 -32.95 -1.47
N ALA A 393 7.90 -34.11 -1.41
CA ALA A 393 7.61 -35.10 -0.38
C ALA A 393 8.57 -35.04 0.81
N GLU A 394 9.82 -34.63 0.61
CA GLU A 394 10.77 -34.60 1.71
C GLU A 394 10.45 -33.53 2.73
N ALA A 395 9.64 -32.52 2.37
CA ALA A 395 9.33 -31.45 3.30
C ALA A 395 8.20 -31.85 4.25
N LEU A 396 7.01 -32.10 3.70
CA LEU A 396 5.84 -32.42 4.51
C LEU A 396 5.51 -33.91 4.53
N ARG A 397 5.26 -34.48 3.36
CA ARG A 397 4.91 -35.91 3.26
C ARG A 397 5.34 -36.49 1.92
N PRO B 4 3.89 -4.20 35.31
CA PRO B 4 2.49 -4.52 35.61
C PRO B 4 1.67 -4.76 34.34
N LEU B 5 2.12 -5.68 33.48
CA LEU B 5 1.43 -5.98 32.25
C LEU B 5 0.09 -6.64 32.53
N SER B 6 -0.93 -6.23 31.79
CA SER B 6 -2.26 -6.82 31.94
C SER B 6 -2.32 -8.17 31.21
N LEU B 7 -3.28 -8.99 31.63
CA LEU B 7 -3.44 -10.32 31.01
C LEU B 7 -3.97 -10.22 29.59
N LEU B 8 -4.65 -9.12 29.25
CA LEU B 8 -5.14 -8.95 27.88
C LEU B 8 -3.99 -8.95 26.88
N ILE B 9 -2.89 -8.27 27.20
CA ILE B 9 -1.67 -8.37 26.41
C ILE B 9 -0.79 -9.53 26.90
N GLY B 10 -0.73 -9.72 28.22
CA GLY B 10 -0.02 -10.83 28.82
C GLY B 10 1.36 -11.08 28.26
N LEU B 11 1.55 -12.26 27.66
CA LEU B 11 2.78 -12.60 26.94
C LEU B 11 2.45 -12.95 25.50
N ARG B 12 1.42 -12.32 24.95
CA ARG B 12 1.09 -12.51 23.53
C ARG B 12 2.16 -11.95 22.61
N PHE B 13 3.08 -11.12 23.13
CA PHE B 13 4.27 -10.78 22.36
C PHE B 13 5.11 -12.02 22.10
N SER B 14 5.20 -12.92 23.08
CA SER B 14 5.84 -14.20 22.87
C SER B 14 5.05 -15.09 21.90
N ARG B 15 3.73 -14.90 21.82
CA ARG B 15 2.94 -15.59 20.80
C ARG B 15 3.31 -15.12 19.40
N GLY B 16 3.87 -13.92 19.27
CA GLY B 16 4.39 -13.47 17.99
C GLY B 16 5.70 -14.12 17.60
N ARG B 17 6.34 -14.84 18.52
CA ARG B 17 7.56 -15.60 18.23
C ARG B 17 7.13 -16.97 17.71
N ARG B 18 6.80 -17.03 16.42
CA ARG B 18 6.34 -18.25 15.78
C ARG B 18 7.43 -18.75 14.83
N ARG B 19 7.24 -19.99 14.36
CA ARG B 19 8.19 -20.60 13.44
C ARG B 19 7.43 -21.30 12.33
N GLY B 20 7.96 -21.19 11.11
CA GLY B 20 7.33 -21.79 9.95
C GLY B 20 8.30 -21.91 8.79
N GLY B 21 7.81 -21.59 7.59
CA GLY B 21 8.66 -21.61 6.42
C GLY B 21 9.19 -20.24 6.07
N MET B 22 8.65 -19.63 5.02
CA MET B 22 9.03 -18.27 4.62
C MET B 22 8.19 -17.23 5.32
N VAL B 23 8.12 -17.32 6.66
CA VAL B 23 7.33 -16.38 7.44
C VAL B 23 8.11 -15.13 7.84
N SER B 24 9.44 -15.21 7.90
CA SER B 24 10.24 -14.03 8.21
C SER B 24 10.10 -12.97 7.12
N LEU B 25 10.11 -13.39 5.85
CA LEU B 25 9.90 -12.44 4.77
C LEU B 25 8.51 -11.82 4.82
N ILE B 26 7.50 -12.58 5.23
CA ILE B 26 6.16 -12.02 5.39
C ILE B 26 6.16 -10.93 6.46
N SER B 27 6.84 -11.18 7.59
CA SER B 27 6.93 -10.16 8.63
C SER B 27 7.70 -8.93 8.15
N VAL B 28 8.76 -9.14 7.36
CA VAL B 28 9.51 -8.02 6.82
C VAL B 28 8.63 -7.18 5.90
N ILE B 29 7.86 -7.84 5.02
CA ILE B 29 6.95 -7.11 4.14
C ILE B 29 5.89 -6.38 4.93
N SER B 30 5.37 -7.01 5.99
CA SER B 30 4.36 -6.37 6.84
C SER B 30 4.90 -5.14 7.54
N THR B 31 6.13 -5.19 8.05
CA THR B 31 6.72 -4.05 8.72
C THR B 31 7.31 -3.02 7.76
N ILE B 32 7.44 -3.35 6.48
CA ILE B 32 7.93 -2.39 5.50
C ILE B 32 6.78 -1.64 4.83
N GLY B 33 5.70 -2.35 4.47
CA GLY B 33 4.59 -1.72 3.79
C GLY B 33 3.86 -0.69 4.62
N ILE B 34 3.76 -0.89 5.93
CA ILE B 34 3.11 0.09 6.79
C ILE B 34 4.08 1.16 7.28
N ALA B 35 5.39 0.90 7.22
CA ALA B 35 6.39 1.91 7.54
C ALA B 35 6.66 2.85 6.37
N LEU B 36 6.44 2.40 5.14
CA LEU B 36 6.63 3.25 3.97
C LEU B 36 5.62 4.38 3.89
N GLY B 37 4.37 4.13 4.29
CA GLY B 37 3.35 5.16 4.24
C GLY B 37 3.43 6.20 5.34
N VAL B 38 4.25 5.99 6.35
CA VAL B 38 4.43 6.94 7.43
C VAL B 38 5.71 7.75 7.24
N ALA B 39 6.79 7.11 6.80
CA ALA B 39 8.04 7.82 6.59
C ALA B 39 7.94 8.87 5.49
N VAL B 40 7.04 8.68 4.52
CA VAL B 40 6.82 9.69 3.49
C VAL B 40 5.81 10.76 3.94
N LEU B 41 4.78 10.38 4.69
CA LEU B 41 3.86 11.39 5.21
C LEU B 41 4.53 12.35 6.17
N ILE B 42 5.40 11.83 7.04
CA ILE B 42 6.11 12.69 7.99
C ILE B 42 6.98 13.70 7.27
N VAL B 43 7.76 13.23 6.28
CA VAL B 43 8.64 14.14 5.56
C VAL B 43 7.85 15.10 4.68
N GLY B 44 6.69 14.69 4.17
CA GLY B 44 5.85 15.60 3.41
C GLY B 44 5.27 16.71 4.26
N LEU B 45 4.76 16.36 5.44
CA LEU B 45 4.27 17.38 6.36
C LEU B 45 5.39 18.28 6.87
N SER B 46 6.57 17.72 7.15
CA SER B 46 7.72 18.55 7.50
C SER B 46 8.15 19.47 6.38
N ALA B 47 8.14 18.99 5.13
CA ALA B 47 8.42 19.86 3.99
C ALA B 47 7.39 20.97 3.83
N MET B 48 6.10 20.66 4.04
CA MET B 48 5.09 21.70 4.00
C MET B 48 5.27 22.73 5.12
N ASN B 49 5.63 22.25 6.32
CA ASN B 49 5.92 23.18 7.40
C ASN B 49 7.12 24.05 7.09
N GLY B 50 8.15 23.49 6.46
CA GLY B 50 9.28 24.28 6.01
C GLY B 50 8.90 25.30 4.95
N PHE B 51 8.04 24.91 4.01
CA PHE B 51 7.54 25.86 3.01
C PHE B 51 6.80 27.02 3.68
N GLU B 52 5.93 26.71 4.63
CA GLU B 52 5.23 27.76 5.36
C GLU B 52 6.18 28.65 6.16
N ARG B 53 7.20 28.07 6.78
CA ARG B 53 8.18 28.86 7.53
C ARG B 53 8.95 29.79 6.60
N GLU B 54 9.38 29.29 5.44
CA GLU B 54 10.11 30.11 4.49
C GLU B 54 9.24 31.15 3.81
N LEU B 55 7.93 30.91 3.70
CA LEU B 55 7.04 31.92 3.13
C LEU B 55 6.98 33.17 3.97
N ASN B 56 6.98 33.03 5.30
CA ASN B 56 6.93 34.18 6.19
C ASN B 56 8.28 34.86 6.32
N ASN B 57 9.37 34.20 5.94
CA ASN B 57 10.71 34.77 6.06
C ASN B 57 11.26 35.31 4.75
N ARG B 58 10.69 34.92 3.61
CA ARG B 58 11.19 35.34 2.31
C ARG B 58 10.17 36.01 1.42
N ILE B 59 8.89 36.00 1.78
CA ILE B 59 7.86 36.66 0.97
C ILE B 59 7.09 37.63 1.85
N LEU B 60 6.57 37.14 2.98
CA LEU B 60 5.76 37.97 3.86
C LEU B 60 6.55 39.08 4.52
N ALA B 61 7.86 38.90 4.72
CA ALA B 61 8.68 39.89 5.39
C ALA B 61 9.31 40.89 4.43
N VAL B 62 9.17 40.71 3.12
CA VAL B 62 9.77 41.60 2.14
C VAL B 62 8.73 42.26 1.24
N VAL B 63 7.45 41.95 1.41
CA VAL B 63 6.37 42.49 0.58
C VAL B 63 5.47 43.33 1.48
N PRO B 64 5.16 44.58 1.10
CA PRO B 64 4.23 45.37 1.90
C PRO B 64 2.85 44.71 1.95
N HIS B 65 2.26 44.72 3.14
CA HIS B 65 0.97 44.06 3.32
C HIS B 65 -0.17 44.89 2.76
N GLY B 66 -0.02 46.20 2.71
CA GLY B 66 -1.06 47.07 2.19
C GLY B 66 -0.46 48.31 1.56
N GLU B 67 -1.15 48.83 0.55
CA GLU B 67 -0.68 50.00 -0.17
C GLU B 67 -1.87 50.91 -0.45
N ILE B 68 -1.69 52.21 -0.24
CA ILE B 68 -2.75 53.20 -0.41
C ILE B 68 -2.25 54.25 -1.38
N GLU B 69 -3.03 54.51 -2.43
CA GLU B 69 -2.70 55.54 -3.42
C GLU B 69 -3.98 56.08 -4.04
N ALA B 70 -3.98 57.39 -4.29
CA ALA B 70 -5.16 58.09 -4.78
C ALA B 70 -5.32 57.91 -6.29
N VAL B 71 -6.36 58.53 -6.82
CA VAL B 71 -6.69 58.40 -8.24
C VAL B 71 -6.01 59.52 -9.03
N ASP B 72 -5.07 59.14 -9.90
CA ASP B 72 -4.40 60.00 -10.88
C ASP B 72 -4.10 61.41 -10.38
N GLN B 73 -3.66 61.53 -9.14
CA GLN B 73 -3.44 62.86 -8.56
C GLN B 73 -2.19 62.88 -7.69
N PRO B 74 -1.23 63.77 -8.00
CA PRO B 74 -0.11 63.96 -7.07
C PRO B 74 -0.59 64.46 -5.73
N TRP B 75 0.00 63.94 -4.66
CA TRP B 75 -0.45 64.29 -3.32
C TRP B 75 0.07 65.66 -2.91
N THR B 76 -0.78 66.38 -2.19
CA THR B 76 -0.42 67.70 -1.66
C THR B 76 -0.56 67.70 -0.15
N ASN B 77 -1.42 66.83 0.37
CA ASN B 77 -1.64 66.66 1.80
C ASN B 77 -1.22 65.27 2.26
N TRP B 78 -0.11 64.76 1.72
CA TRP B 78 0.34 63.42 2.03
C TRP B 78 0.81 63.29 3.48
N GLN B 79 1.40 64.36 4.04
CA GLN B 79 1.84 64.30 5.42
C GLN B 79 0.67 64.16 6.38
N GLU B 80 -0.42 64.90 6.11
CA GLU B 80 -1.61 64.77 6.95
C GLU B 80 -2.22 63.38 6.87
N ALA B 81 -2.25 62.78 5.68
CA ALA B 81 -2.71 61.40 5.54
C ALA B 81 -1.80 60.42 6.26
N LEU B 82 -0.47 60.61 6.20
CA LEU B 82 0.45 59.76 6.93
C LEU B 82 0.25 59.87 8.43
N ASP B 83 0.02 61.09 8.94
CA ASP B 83 -0.27 61.25 10.36
C ASP B 83 -1.57 60.54 10.76
N HIS B 84 -2.59 60.59 9.92
CA HIS B 84 -3.84 59.92 10.22
C HIS B 84 -3.70 58.40 10.18
N VAL B 85 -2.98 57.86 9.20
CA VAL B 85 -2.82 56.42 9.09
C VAL B 85 -1.80 55.87 10.06
N GLN B 86 -0.97 56.74 10.65
CA GLN B 86 0.01 56.27 11.64
C GLN B 86 -0.67 55.74 12.89
N LYS B 87 -1.85 56.27 13.23
CA LYS B 87 -2.60 55.85 14.41
C LYS B 87 -3.83 55.06 13.96
N VAL B 88 -3.63 53.76 13.75
CA VAL B 88 -4.71 52.84 13.38
C VAL B 88 -4.60 51.60 14.26
N PRO B 89 -5.70 51.12 14.83
CA PRO B 89 -5.62 49.91 15.66
C PRO B 89 -5.39 48.65 14.85
N GLY B 90 -4.14 48.38 14.51
CA GLY B 90 -3.80 47.20 13.74
C GLY B 90 -2.68 47.41 12.73
N ILE B 91 -2.28 48.66 12.54
CA ILE B 91 -1.21 49.01 11.61
C ILE B 91 0.04 49.29 12.41
N ALA B 92 1.12 48.56 12.11
CA ALA B 92 2.35 48.71 12.88
C ALA B 92 3.19 49.88 12.39
N ALA B 93 3.36 50.01 11.08
CA ALA B 93 4.21 51.05 10.53
C ALA B 93 3.74 51.43 9.14
N ALA B 94 4.14 52.61 8.70
CA ALA B 94 3.82 53.11 7.37
C ALA B 94 5.00 53.91 6.83
N ALA B 95 5.11 53.96 5.50
CA ALA B 95 6.21 54.66 4.87
C ALA B 95 5.80 55.09 3.47
N PRO B 96 6.17 56.28 3.02
CA PRO B 96 5.86 56.72 1.66
C PRO B 96 6.75 56.05 0.63
N TYR B 97 6.23 55.95 -0.59
CA TYR B 97 6.97 55.36 -1.69
C TYR B 97 6.39 55.86 -3.01
N ILE B 98 7.20 55.76 -4.06
CA ILE B 98 6.81 56.14 -5.41
C ILE B 98 6.91 54.90 -6.29
N ASN B 99 5.92 54.72 -7.17
CA ASN B 99 5.93 53.62 -8.12
C ASN B 99 6.45 54.10 -9.47
N PHE B 100 7.60 53.57 -9.87
CA PHE B 100 8.14 53.80 -11.21
C PHE B 100 7.87 52.58 -12.08
N THR B 101 7.87 52.82 -13.39
CA THR B 101 7.71 51.73 -14.35
C THR B 101 8.81 51.84 -15.42
N GLY B 102 9.88 52.59 -15.13
CA GLY B 102 10.98 52.71 -16.06
C GLY B 102 11.67 51.39 -16.31
N LEU B 103 12.33 51.29 -17.46
CA LEU B 103 12.91 50.05 -17.93
C LEU B 103 14.41 50.20 -18.10
N VAL B 104 15.09 49.06 -18.16
CA VAL B 104 16.54 48.99 -18.25
C VAL B 104 16.91 48.56 -19.65
N GLU B 105 17.78 49.33 -20.31
CA GLU B 105 18.26 49.04 -21.66
C GLU B 105 19.76 49.33 -21.69
N SER B 106 20.56 48.29 -21.41
CA SER B 106 22.02 48.42 -21.41
C SER B 106 22.61 47.03 -21.54
N GLY B 107 23.46 46.84 -22.55
CA GLY B 107 24.02 45.53 -22.81
C GLY B 107 23.26 44.73 -23.84
N ALA B 108 22.51 45.40 -24.73
CA ALA B 108 21.75 44.74 -25.80
C ALA B 108 20.76 43.72 -25.22
N ASN B 109 20.05 44.12 -24.18
CA ASN B 109 19.02 43.28 -23.58
C ASN B 109 17.95 44.16 -22.97
N LEU B 110 16.76 43.59 -22.80
CA LEU B 110 15.60 44.30 -22.28
C LEU B 110 15.09 43.61 -21.03
N ARG B 111 14.77 44.41 -20.01
CA ARG B 111 14.31 43.88 -18.72
C ARG B 111 13.09 44.66 -18.27
N ALA B 112 12.08 43.94 -17.78
CA ALA B 112 10.88 44.55 -17.20
C ALA B 112 11.10 44.68 -15.70
N ILE B 113 11.34 45.90 -15.25
CA ILE B 113 11.64 46.16 -13.84
C ILE B 113 10.68 47.21 -13.31
N GLN B 114 10.40 47.13 -12.01
CA GLN B 114 9.52 48.08 -11.32
C GLN B 114 10.35 48.79 -10.26
N VAL B 115 10.81 50.00 -10.59
CA VAL B 115 11.61 50.80 -9.67
C VAL B 115 10.69 51.45 -8.66
N LYS B 116 11.14 51.55 -7.41
CA LYS B 116 10.39 52.22 -6.37
C LYS B 116 11.32 53.14 -5.58
N GLY B 117 10.73 54.17 -4.98
CA GLY B 117 11.50 55.11 -4.20
C GLY B 117 11.11 55.11 -2.73
N VAL B 118 12.02 54.68 -1.86
CA VAL B 118 11.73 54.58 -0.44
C VAL B 118 12.83 55.29 0.34
N ASN B 119 12.46 55.76 1.53
CA ASN B 119 13.42 56.42 2.41
C ASN B 119 14.33 55.38 3.04
N PRO B 120 15.65 55.48 2.87
CA PRO B 120 16.54 54.49 3.50
C PRO B 120 16.43 54.46 5.00
N GLN B 121 16.18 55.59 5.66
CA GLN B 121 16.03 55.61 7.10
C GLN B 121 14.72 54.97 7.55
N GLN B 122 13.72 54.88 6.67
CA GLN B 122 12.44 54.30 7.01
C GLN B 122 12.19 52.95 6.36
N GLU B 123 13.03 52.53 5.41
CA GLU B 123 12.83 51.26 4.72
C GLU B 123 13.12 50.05 5.58
N GLN B 124 13.81 50.22 6.71
CA GLN B 124 14.17 49.11 7.59
C GLN B 124 13.19 48.95 8.74
N ARG B 125 12.12 49.74 8.76
CA ARG B 125 11.15 49.70 9.85
C ARG B 125 9.86 48.98 9.49
N LEU B 126 9.69 48.55 8.23
CA LEU B 126 8.47 47.86 7.85
C LEU B 126 8.71 46.64 6.96
N SER B 127 9.95 46.32 6.61
CA SER B 127 10.23 45.19 5.74
C SER B 127 11.60 44.62 6.10
N ALA B 128 11.88 43.43 5.56
CA ALA B 128 13.15 42.75 5.77
C ALA B 128 14.04 42.80 4.55
N LEU B 129 13.70 43.64 3.56
CA LEU B 129 14.56 43.79 2.38
C LEU B 129 15.98 44.22 2.72
N PRO B 130 16.24 45.13 3.67
CA PRO B 130 17.64 45.44 4.02
C PRO B 130 18.45 44.23 4.44
N SER B 131 17.81 43.21 5.01
CA SER B 131 18.51 42.02 5.47
C SER B 131 18.85 41.05 4.34
N PHE B 132 18.40 41.31 3.11
CA PHE B 132 18.66 40.42 1.99
C PHE B 132 19.64 41.03 0.99
N VAL B 133 20.36 42.08 1.38
CA VAL B 133 21.32 42.72 0.49
C VAL B 133 22.60 41.90 0.48
N GLN B 134 23.07 41.55 -0.72
CA GLN B 134 24.28 40.76 -0.86
C GLN B 134 25.54 41.54 -0.53
N GLY B 135 25.48 42.87 -0.54
CA GLY B 135 26.64 43.69 -0.24
C GLY B 135 26.96 43.73 1.24
N ASP B 136 28.09 44.37 1.56
CA ASP B 136 28.48 44.49 2.95
C ASP B 136 27.49 45.33 3.75
N ALA B 137 27.01 46.43 3.17
CA ALA B 137 26.04 47.28 3.82
C ALA B 137 25.38 48.17 2.77
N TRP B 138 24.18 48.63 3.09
CA TRP B 138 23.44 49.56 2.25
C TRP B 138 23.38 50.96 2.86
N ARG B 139 24.18 51.22 3.89
CA ARG B 139 24.15 52.50 4.60
C ARG B 139 24.62 53.67 3.75
N ASN B 140 25.23 53.40 2.59
CA ASN B 140 25.68 54.46 1.69
C ASN B 140 24.55 55.05 0.85
N PHE B 141 23.30 54.71 1.16
CA PHE B 141 22.15 55.24 0.43
C PHE B 141 21.89 56.67 0.89
N LYS B 142 22.10 57.63 -0.02
CA LYS B 142 21.87 59.04 0.30
C LYS B 142 21.18 59.70 -0.89
N ALA B 143 20.88 60.98 -0.73
CA ALA B 143 20.16 61.75 -1.73
C ALA B 143 21.14 62.57 -2.56
N GLY B 144 21.09 62.42 -3.87
CA GLY B 144 21.92 63.18 -4.77
C GLY B 144 23.23 62.53 -5.16
N GLU B 145 23.38 61.21 -4.99
CA GLU B 145 24.61 60.52 -5.35
C GLU B 145 24.41 59.51 -6.48
N GLN B 146 23.23 59.48 -7.09
CA GLN B 146 22.93 58.58 -8.21
C GLN B 146 23.19 57.12 -7.84
N GLN B 147 22.55 56.69 -6.74
CA GLN B 147 22.68 55.32 -6.25
C GLN B 147 21.45 54.51 -6.61
N ILE B 148 21.67 53.26 -6.99
CA ILE B 148 20.60 52.35 -7.37
C ILE B 148 20.97 50.95 -6.93
N ILE B 149 19.96 50.20 -6.48
CA ILE B 149 20.12 48.80 -6.10
C ILE B 149 19.07 47.99 -6.85
N ILE B 150 19.51 46.86 -7.42
CA ILE B 150 18.64 46.00 -8.21
C ILE B 150 18.71 44.58 -7.64
N GLY B 151 17.77 43.75 -8.08
CA GLY B 151 17.73 42.37 -7.66
C GLY B 151 18.78 41.53 -8.36
N LYS B 152 18.88 40.27 -7.92
CA LYS B 152 19.86 39.35 -8.49
C LYS B 152 19.56 39.00 -9.94
N GLY B 153 18.28 38.88 -10.29
CA GLY B 153 17.93 38.54 -11.65
C GLY B 153 18.35 39.58 -12.67
N VAL B 154 18.13 40.86 -12.36
CA VAL B 154 18.53 41.92 -13.28
C VAL B 154 20.04 41.96 -13.43
N ALA B 155 20.78 41.81 -12.31
CA ALA B 155 22.23 41.80 -12.38
C ALA B 155 22.75 40.62 -13.19
N ASP B 156 22.14 39.44 -13.04
CA ASP B 156 22.52 38.28 -13.85
C ASP B 156 22.19 38.49 -15.32
N ALA B 157 21.06 39.13 -15.63
CA ALA B 157 20.70 39.40 -17.02
C ALA B 157 21.64 40.40 -17.68
N LEU B 158 22.05 41.44 -16.95
CA LEU B 158 22.95 42.46 -17.48
C LEU B 158 24.41 42.11 -17.31
N LYS B 159 24.74 41.05 -16.57
CA LYS B 159 26.12 40.66 -16.30
C LYS B 159 26.91 41.81 -15.69
N VAL B 160 26.28 42.54 -14.78
CA VAL B 160 26.88 43.73 -14.17
C VAL B 160 27.23 43.42 -12.72
N LYS B 161 28.09 44.26 -12.15
CA LYS B 161 28.51 44.10 -10.76
C LYS B 161 28.30 45.40 -9.99
N GLN B 162 28.79 45.46 -8.76
CA GLN B 162 28.64 46.65 -7.94
C GLN B 162 29.49 47.78 -8.51
N GLY B 163 28.92 48.98 -8.57
CA GLY B 163 29.61 50.15 -9.07
C GLY B 163 29.51 50.37 -10.56
N ASP B 164 28.93 49.43 -11.30
CA ASP B 164 28.81 49.55 -12.75
C ASP B 164 27.77 50.61 -13.10
N TRP B 165 28.09 51.43 -14.10
CA TRP B 165 27.19 52.49 -14.54
C TRP B 165 26.23 51.93 -15.59
N VAL B 166 24.94 52.14 -15.38
CA VAL B 166 23.90 51.64 -16.27
C VAL B 166 22.93 52.79 -16.53
N SER B 167 22.52 52.97 -17.79
CA SER B 167 21.52 53.95 -18.16
C SER B 167 20.19 53.24 -18.40
N ILE B 168 19.15 53.68 -17.71
CA ILE B 168 17.84 53.05 -17.77
C ILE B 168 16.83 54.07 -18.29
N MET B 169 15.72 53.56 -18.82
CA MET B 169 14.65 54.40 -19.32
C MET B 169 13.85 55.00 -18.17
N ILE B 170 13.45 56.25 -18.34
CA ILE B 170 12.64 56.94 -17.33
C ILE B 170 11.50 57.67 -18.04
N PRO B 171 10.25 57.45 -17.65
CA PRO B 171 9.14 58.17 -18.29
C PRO B 171 9.24 59.67 -18.05
N ASN B 172 8.85 60.43 -19.07
CA ASN B 172 8.89 61.89 -19.01
C ASN B 172 7.54 62.38 -18.49
N SER B 173 7.52 62.76 -17.21
CA SER B 173 6.29 63.24 -16.57
C SER B 173 6.06 64.68 -17.00
N ASN B 174 5.42 64.83 -18.15
CA ASN B 174 5.10 66.14 -18.72
C ASN B 174 3.68 66.52 -18.37
N PRO B 175 3.45 67.70 -17.80
CA PRO B 175 2.06 68.13 -17.53
C PRO B 175 1.19 68.14 -18.77
N GLU B 176 1.75 68.49 -19.92
CA GLU B 176 1.05 68.35 -21.19
C GLU B 176 1.28 66.94 -21.73
N HIS B 177 0.19 66.23 -22.01
CA HIS B 177 0.27 64.82 -22.43
C HIS B 177 0.80 64.77 -23.85
N LYS B 178 2.11 64.56 -23.98
CA LYS B 178 2.76 64.45 -25.28
C LYS B 178 3.87 63.41 -25.20
N LEU B 179 4.57 63.24 -26.33
CA LEU B 179 5.62 62.23 -26.46
C LEU B 179 6.94 62.89 -26.80
N MET B 180 7.34 63.91 -26.03
CA MET B 180 8.46 64.77 -26.37
C MET B 180 9.75 64.00 -26.67
N GLN B 181 10.30 63.31 -25.67
CA GLN B 181 11.58 62.63 -25.83
C GLN B 181 11.67 61.50 -24.82
N PRO B 182 12.45 60.46 -25.10
CA PRO B 182 12.77 59.46 -24.08
C PRO B 182 13.87 59.99 -23.16
N LYS B 183 13.79 59.63 -21.88
CA LYS B 183 14.71 60.12 -20.86
C LYS B 183 15.58 58.98 -20.37
N ARG B 184 16.89 59.23 -20.25
CA ARG B 184 17.84 58.26 -19.72
C ARG B 184 18.72 58.94 -18.69
N VAL B 185 18.92 58.26 -17.56
CA VAL B 185 19.75 58.76 -16.47
C VAL B 185 20.74 57.67 -16.08
N ARG B 186 22.03 58.00 -16.09
CA ARG B 186 23.05 57.03 -15.70
C ARG B 186 23.10 56.91 -14.19
N LEU B 187 23.08 55.67 -13.70
CA LEU B 187 23.18 55.38 -12.27
C LEU B 187 24.18 54.25 -12.06
N HIS B 188 24.97 54.36 -11.00
CA HIS B 188 25.92 53.32 -10.65
C HIS B 188 25.33 52.41 -9.58
N VAL B 189 25.54 51.11 -9.74
CA VAL B 189 24.95 50.12 -8.85
C VAL B 189 25.62 50.20 -7.48
N ALA B 190 24.81 50.38 -6.44
CA ALA B 190 25.30 50.44 -5.06
C ALA B 190 25.12 49.10 -4.34
N GLY B 191 25.11 48.00 -5.08
CA GLY B 191 24.92 46.69 -4.53
C GLY B 191 23.72 45.99 -5.14
N ILE B 192 23.62 44.69 -4.83
CA ILE B 192 22.54 43.86 -5.30
C ILE B 192 21.99 43.05 -4.13
N LEU B 193 20.75 42.59 -4.27
CA LEU B 193 20.08 41.80 -3.25
C LEU B 193 19.50 40.55 -3.90
N GLN B 194 19.56 39.43 -3.18
CA GLN B 194 18.98 38.17 -3.65
C GLN B 194 17.81 37.81 -2.74
N LEU B 195 16.64 37.65 -3.34
CA LEU B 195 15.43 37.27 -2.62
C LEU B 195 15.26 35.76 -2.70
N SER B 196 14.07 35.26 -2.35
CA SER B 196 13.81 33.82 -2.38
C SER B 196 14.03 33.23 -3.76
N GLY B 197 13.76 33.99 -4.82
CA GLY B 197 13.96 33.49 -6.17
C GLY B 197 12.80 33.77 -7.10
N GLN B 198 11.87 34.61 -6.68
CA GLN B 198 10.74 35.00 -7.52
C GLN B 198 10.71 36.49 -7.81
N LEU B 199 10.99 37.33 -6.82
CA LEU B 199 11.00 38.78 -6.99
C LEU B 199 12.39 39.32 -7.33
N ASP B 200 13.38 38.45 -7.52
CA ASP B 200 14.73 38.91 -7.80
C ASP B 200 14.80 39.68 -9.11
N HIS B 201 14.13 39.19 -10.14
CA HIS B 201 14.19 39.78 -11.47
C HIS B 201 13.08 40.79 -11.73
N SER B 202 12.32 41.17 -10.70
CA SER B 202 11.24 42.12 -10.87
C SER B 202 11.18 43.13 -9.73
N PHE B 203 12.32 43.41 -9.10
CA PHE B 203 12.35 44.38 -8.02
C PHE B 203 13.62 45.23 -8.10
N ALA B 204 13.45 46.54 -7.90
CA ALA B 204 14.55 47.48 -7.79
C ALA B 204 14.04 48.72 -7.08
N MET B 205 14.93 49.38 -6.34
CA MET B 205 14.52 50.54 -5.57
C MET B 205 15.63 51.59 -5.56
N ILE B 206 15.21 52.83 -5.37
CA ILE B 206 16.11 53.99 -5.36
C ILE B 206 15.73 54.87 -4.18
N PRO B 207 16.60 55.79 -3.72
CA PRO B 207 16.21 56.71 -2.67
C PRO B 207 15.01 57.57 -3.07
N LEU B 208 14.20 57.90 -2.08
CA LEU B 208 12.97 58.66 -2.33
C LEU B 208 13.27 60.04 -2.90
N ALA B 209 14.26 60.74 -2.35
CA ALA B 209 14.58 62.08 -2.81
C ALA B 209 15.09 62.10 -4.24
N ASP B 210 15.86 61.09 -4.65
CA ASP B 210 16.29 61.00 -6.04
C ASP B 210 15.10 60.84 -6.99
N ALA B 211 14.15 59.98 -6.62
CA ALA B 211 12.93 59.83 -7.43
C ALA B 211 12.10 61.10 -7.43
N GLN B 212 12.15 61.90 -6.36
CA GLN B 212 11.49 63.20 -6.38
C GLN B 212 12.08 64.11 -7.44
N GLN B 213 13.41 64.13 -7.56
CA GLN B 213 14.05 64.97 -8.57
C GLN B 213 13.86 64.42 -9.98
N TYR B 214 13.76 63.09 -10.11
CA TYR B 214 13.59 62.50 -11.43
C TYR B 214 12.22 62.79 -12.03
N LEU B 215 11.21 63.01 -11.19
CA LEU B 215 9.88 63.35 -11.64
C LEU B 215 9.63 64.85 -11.70
N ASP B 216 10.62 65.67 -11.33
CA ASP B 216 10.46 67.11 -11.22
C ASP B 216 9.26 67.46 -10.33
N MET B 217 9.17 66.76 -9.21
CA MET B 217 8.06 66.90 -8.27
C MET B 217 8.58 67.41 -6.94
N GLY B 218 7.77 68.23 -6.27
CA GLY B 218 8.14 68.78 -4.99
C GLY B 218 7.83 67.85 -3.84
N SER B 219 7.19 68.36 -2.79
CA SER B 219 6.84 67.56 -1.62
C SER B 219 5.58 66.76 -1.96
N SER B 220 5.77 65.70 -2.74
CA SER B 220 4.66 64.87 -3.17
C SER B 220 5.14 63.44 -3.36
N VAL B 221 4.30 62.49 -2.92
CA VAL B 221 4.55 61.07 -3.11
C VAL B 221 3.28 60.44 -3.67
N SER B 222 3.43 59.25 -4.25
CA SER B 222 2.32 58.59 -4.93
C SER B 222 1.64 57.53 -4.08
N GLY B 223 2.36 56.84 -3.20
CA GLY B 223 1.78 55.76 -2.44
C GLY B 223 2.30 55.70 -1.01
N ILE B 224 1.54 55.03 -0.17
CA ILE B 224 1.91 54.74 1.21
C ILE B 224 1.85 53.23 1.40
N ALA B 225 2.98 52.64 1.75
CA ALA B 225 3.02 51.22 2.09
C ALA B 225 2.94 51.05 3.60
N LEU B 226 2.27 49.98 4.02
CA LEU B 226 2.02 49.78 5.43
C LEU B 226 2.32 48.34 5.83
N LYS B 227 2.90 48.19 7.02
CA LYS B 227 3.16 46.89 7.62
C LYS B 227 2.31 46.75 8.87
N MET B 228 1.65 45.62 9.01
CA MET B 228 0.70 45.36 10.09
C MET B 228 1.23 44.24 10.99
N THR B 229 0.45 43.92 12.02
CA THR B 229 0.79 42.85 12.95
C THR B 229 0.17 41.52 12.54
N ASP B 230 -1.16 41.47 12.43
CA ASP B 230 -1.84 40.26 11.96
C ASP B 230 -1.95 40.31 10.44
N VAL B 231 -1.13 39.49 9.77
CA VAL B 231 -1.03 39.56 8.31
C VAL B 231 -2.27 39.01 7.60
N PHE B 232 -3.06 38.18 8.26
CA PHE B 232 -4.18 37.51 7.60
C PHE B 232 -5.45 38.36 7.56
N ASN B 233 -5.43 39.55 8.15
CA ASN B 233 -6.57 40.47 8.11
C ASN B 233 -6.29 41.66 7.20
N ALA B 234 -5.29 41.52 6.31
CA ALA B 234 -4.89 42.62 5.44
C ALA B 234 -6.01 43.08 4.52
N ASN B 235 -6.96 42.19 4.19
CA ASN B 235 -8.08 42.60 3.36
C ASN B 235 -9.00 43.58 4.07
N LYS B 236 -8.98 43.61 5.41
CA LYS B 236 -9.82 44.52 6.18
C LYS B 236 -9.04 45.69 6.77
N LEU B 237 -7.79 45.46 7.20
CA LEU B 237 -7.01 46.53 7.82
C LEU B 237 -6.70 47.67 6.86
N VAL B 238 -6.72 47.39 5.55
CA VAL B 238 -6.55 48.45 4.57
C VAL B 238 -7.87 49.13 4.21
N ARG B 239 -9.00 48.52 4.55
CA ARG B 239 -10.29 49.14 4.28
C ARG B 239 -10.52 50.35 5.17
N ASP B 240 -10.29 50.20 6.48
CA ASP B 240 -10.45 51.32 7.40
C ASP B 240 -9.25 52.26 7.40
N ALA B 241 -8.08 51.77 6.99
CA ALA B 241 -6.91 52.65 6.89
C ALA B 241 -7.10 53.70 5.79
N GLY B 242 -7.79 53.34 4.71
CA GLY B 242 -8.10 54.27 3.65
C GLY B 242 -9.31 55.15 3.92
N GLU B 243 -9.95 55.00 5.07
CA GLU B 243 -11.09 55.83 5.41
C GLU B 243 -10.69 57.23 5.85
N VAL B 244 -9.52 57.38 6.47
CA VAL B 244 -9.02 58.71 6.86
C VAL B 244 -8.24 59.24 5.66
N THR B 245 -8.99 59.72 4.67
CA THR B 245 -8.49 60.17 3.37
C THR B 245 -9.54 61.09 2.78
N ASN B 246 -9.46 61.31 1.47
CA ASN B 246 -10.56 61.94 0.74
C ASN B 246 -11.66 60.91 0.52
N SER B 247 -12.60 61.20 -0.39
CA SER B 247 -13.74 60.31 -0.61
C SER B 247 -13.28 58.89 -0.92
N TYR B 248 -12.29 58.74 -1.78
CA TYR B 248 -11.76 57.42 -2.10
C TYR B 248 -10.41 57.57 -2.77
N VAL B 249 -9.50 56.63 -2.49
CA VAL B 249 -8.15 56.68 -3.07
C VAL B 249 -7.86 55.48 -3.98
N TYR B 250 -7.76 54.28 -3.40
CA TYR B 250 -7.65 52.88 -3.84
C TYR B 250 -7.47 52.02 -2.58
N ILE B 251 -7.70 50.72 -2.76
CA ILE B 251 -7.42 49.74 -1.71
C ILE B 251 -6.78 48.52 -2.36
N LYS B 252 -5.67 48.05 -1.78
CA LYS B 252 -4.98 46.88 -2.28
C LYS B 252 -4.16 46.27 -1.16
N SER B 253 -4.02 44.94 -1.21
CA SER B 253 -3.30 44.20 -0.18
C SER B 253 -2.54 43.06 -0.83
N TRP B 254 -1.81 42.29 -0.01
CA TRP B 254 -1.04 41.16 -0.52
C TRP B 254 -1.86 39.90 -0.69
N ILE B 255 -3.10 39.88 -0.20
CA ILE B 255 -3.93 38.67 -0.33
C ILE B 255 -4.25 38.39 -1.79
N GLY B 256 -4.55 39.44 -2.56
CA GLY B 256 -4.93 39.25 -3.95
C GLY B 256 -3.79 38.83 -4.84
N THR B 257 -2.55 39.08 -4.42
CA THR B 257 -1.39 38.76 -5.23
C THR B 257 -0.48 37.69 -4.64
N TYR B 258 -0.58 37.43 -3.34
CA TYR B 258 0.23 36.39 -2.71
C TYR B 258 -0.57 35.46 -1.80
N GLY B 259 -1.88 35.64 -1.70
CA GLY B 259 -2.68 34.75 -0.88
C GLY B 259 -2.93 33.38 -1.48
N TYR B 260 -2.67 33.22 -2.78
CA TYR B 260 -2.84 31.92 -3.42
C TYR B 260 -1.78 30.91 -2.97
N MET B 261 -0.62 31.39 -2.54
CA MET B 261 0.41 30.49 -2.05
C MET B 261 0.00 29.77 -0.77
N TYR B 262 -0.68 30.46 0.14
CA TYR B 262 -1.20 29.81 1.34
C TYR B 262 -2.29 28.80 1.00
N ARG B 263 -3.15 29.13 0.03
CA ARG B 263 -4.20 28.19 -0.36
C ARG B 263 -3.62 26.95 -1.04
N ASP B 264 -2.41 27.05 -1.60
CA ASP B 264 -1.75 25.92 -2.24
C ASP B 264 -0.79 25.20 -1.32
N ILE B 265 -0.78 25.56 -0.03
CA ILE B 265 -0.02 24.84 0.98
C ILE B 265 -0.92 23.94 1.82
N GLN B 266 -2.04 24.47 2.30
CA GLN B 266 -3.02 23.64 2.99
C GLN B 266 -3.64 22.60 2.07
N MET B 267 -3.84 22.95 0.79
CA MET B 267 -4.38 21.99 -0.16
C MET B 267 -3.44 20.80 -0.35
N ILE B 268 -2.14 21.06 -0.46
CA ILE B 268 -1.17 19.97 -0.60
C ILE B 268 -1.17 19.11 0.66
N ARG B 269 -1.23 19.74 1.84
CA ARG B 269 -1.29 18.97 3.08
C ARG B 269 -2.52 18.09 3.14
N ALA B 270 -3.69 18.62 2.78
CA ALA B 270 -4.91 17.83 2.79
C ALA B 270 -4.88 16.70 1.77
N ILE B 271 -4.32 16.96 0.59
CA ILE B 271 -4.22 15.92 -0.44
C ILE B 271 -3.28 14.82 0.02
N MET B 272 -2.13 15.18 0.58
CA MET B 272 -1.16 14.18 1.01
C MET B 272 -1.68 13.37 2.19
N TYR B 273 -2.36 14.02 3.14
CA TYR B 273 -2.90 13.28 4.27
C TYR B 273 -3.93 12.26 3.81
N LEU B 274 -4.84 12.65 2.91
CA LEU B 274 -5.84 11.73 2.39
C LEU B 274 -5.23 10.64 1.52
N ALA B 275 -4.15 10.93 0.80
CA ALA B 275 -3.48 9.93 -0.02
C ALA B 275 -2.64 8.96 0.80
N MET B 276 -2.18 9.36 1.98
CA MET B 276 -1.41 8.47 2.84
C MET B 276 -2.26 7.71 3.85
N VAL B 277 -3.42 8.23 4.24
CA VAL B 277 -4.36 7.41 5.00
C VAL B 277 -4.76 6.20 4.19
N LEU B 278 -4.95 6.37 2.88
CA LEU B 278 -5.20 5.22 2.00
C LEU B 278 -4.02 4.26 1.96
N VAL B 279 -2.78 4.77 1.92
CA VAL B 279 -1.62 3.89 1.92
C VAL B 279 -1.57 3.06 3.20
N ILE B 280 -1.76 3.70 4.35
CA ILE B 280 -1.73 2.99 5.62
C ILE B 280 -2.88 1.98 5.71
N GLY B 281 -4.08 2.37 5.27
CA GLY B 281 -5.21 1.46 5.32
C GLY B 281 -5.04 0.26 4.42
N VAL B 282 -4.44 0.45 3.24
CA VAL B 282 -4.13 -0.68 2.39
C VAL B 282 -3.05 -1.55 3.04
N ALA B 283 -2.07 -0.93 3.68
CA ALA B 283 -1.08 -1.67 4.45
C ALA B 283 -1.69 -2.37 5.65
N CYS B 284 -2.86 -1.94 6.11
CA CYS B 284 -3.56 -2.61 7.20
C CYS B 284 -4.17 -3.94 6.78
N PHE B 285 -4.48 -4.11 5.50
CA PHE B 285 -4.91 -5.42 5.00
C PHE B 285 -3.81 -6.47 5.18
N ASN B 286 -2.55 -6.05 5.05
CA ASN B 286 -1.42 -6.92 5.33
C ASN B 286 -1.44 -7.41 6.77
N ILE B 287 -1.88 -6.59 7.72
CA ILE B 287 -2.08 -7.05 9.08
C ILE B 287 -3.28 -7.99 9.20
N VAL B 288 -4.37 -7.70 8.47
CA VAL B 288 -5.57 -8.52 8.56
C VAL B 288 -5.27 -9.95 8.10
N SER B 289 -4.56 -10.10 6.98
CA SER B 289 -4.29 -11.44 6.46
C SER B 289 -3.38 -12.22 7.41
N THR B 290 -2.29 -11.59 7.86
CA THR B 290 -1.35 -12.28 8.73
C THR B 290 -1.92 -12.54 10.12
N LEU B 291 -2.96 -11.81 10.54
CA LEU B 291 -3.62 -12.12 11.79
C LEU B 291 -4.70 -13.17 11.64
N VAL B 292 -5.38 -13.23 10.48
CA VAL B 292 -6.30 -14.32 10.22
C VAL B 292 -5.54 -15.64 10.16
N MET B 293 -4.38 -15.64 9.50
CA MET B 293 -3.55 -16.85 9.48
C MET B 293 -3.12 -17.26 10.87
N ALA B 294 -2.73 -16.31 11.72
CA ALA B 294 -2.40 -16.62 13.10
C ALA B 294 -3.60 -17.15 13.89
N VAL B 295 -4.79 -16.61 13.63
CA VAL B 295 -6.00 -17.09 14.31
C VAL B 295 -6.28 -18.53 13.95
N LYS B 296 -6.23 -18.86 12.65
CA LYS B 296 -6.50 -20.24 12.26
C LYS B 296 -5.30 -21.17 12.42
N ASP B 297 -4.13 -20.63 12.79
CA ASP B 297 -2.98 -21.46 13.11
C ASP B 297 -2.83 -21.67 14.62
N LYS B 298 -3.34 -20.75 15.43
CA LYS B 298 -3.32 -20.88 16.88
C LYS B 298 -4.68 -21.31 17.44
N SER B 299 -5.46 -22.04 16.66
CA SER B 299 -6.78 -22.47 17.10
C SER B 299 -6.71 -23.43 18.29
N GLY B 300 -5.66 -24.23 18.38
CA GLY B 300 -5.53 -25.14 19.51
C GLY B 300 -5.38 -24.40 20.83
N ASP B 301 -4.56 -23.35 20.85
CA ASP B 301 -4.38 -22.56 22.06
C ASP B 301 -5.64 -21.80 22.44
N ILE B 302 -6.44 -21.37 21.47
CA ILE B 302 -7.71 -20.73 21.79
C ILE B 302 -8.62 -21.70 22.52
N ALA B 303 -8.73 -22.94 22.03
CA ALA B 303 -9.51 -23.95 22.72
C ALA B 303 -8.94 -24.29 24.09
N VAL B 304 -7.61 -24.33 24.21
CA VAL B 304 -6.99 -24.58 25.52
C VAL B 304 -7.38 -23.48 26.50
N LEU B 305 -7.27 -22.22 26.10
CA LEU B 305 -7.65 -21.12 26.97
C LEU B 305 -9.13 -21.17 27.33
N ARG B 306 -9.99 -21.52 26.36
CA ARG B 306 -11.41 -21.64 26.66
C ARG B 306 -11.69 -22.76 27.66
N THR B 307 -10.96 -23.87 27.55
CA THR B 307 -11.12 -24.95 28.51
C THR B 307 -10.60 -24.59 29.90
N LEU B 308 -9.53 -23.80 29.99
CA LEU B 308 -9.07 -23.32 31.29
C LEU B 308 -9.94 -22.21 31.86
N GLY B 309 -10.91 -21.72 31.12
CA GLY B 309 -11.87 -20.77 31.62
C GLY B 309 -11.73 -19.34 31.12
N ALA B 310 -10.96 -19.10 30.07
CA ALA B 310 -10.83 -17.75 29.53
C ALA B 310 -12.16 -17.30 28.94
N LYS B 311 -12.54 -16.06 29.25
CA LYS B 311 -13.81 -15.52 28.78
C LYS B 311 -13.71 -15.13 27.31
N ASP B 312 -14.85 -14.75 26.74
CA ASP B 312 -14.87 -14.32 25.34
C ASP B 312 -14.06 -13.04 25.12
N GLY B 313 -14.12 -12.10 26.07
CA GLY B 313 -13.39 -10.86 25.94
C GLY B 313 -11.88 -11.03 25.91
N LEU B 314 -11.34 -11.94 26.72
CA LEU B 314 -9.91 -12.17 26.72
C LEU B 314 -9.42 -12.68 25.37
N ILE B 315 -10.11 -13.68 24.81
CA ILE B 315 -9.73 -14.20 23.49
C ILE B 315 -9.95 -13.14 22.42
N ARG B 316 -11.00 -12.33 22.56
CA ARG B 316 -11.25 -11.28 21.57
C ARG B 316 -10.19 -10.19 21.61
N ALA B 317 -9.60 -9.93 22.77
CA ALA B 317 -8.62 -8.87 22.93
C ALA B 317 -7.18 -9.36 22.79
N ILE B 318 -6.93 -10.66 22.86
CA ILE B 318 -5.57 -11.15 22.66
C ILE B 318 -5.06 -10.79 21.27
N PHE B 319 -5.84 -11.09 20.24
CA PHE B 319 -5.42 -10.81 18.88
C PHE B 319 -5.45 -9.34 18.52
N VAL B 320 -6.23 -8.52 19.25
CA VAL B 320 -6.19 -7.08 19.01
C VAL B 320 -4.80 -6.54 19.32
N TRP B 321 -4.27 -6.87 20.51
CA TRP B 321 -2.91 -6.49 20.85
C TRP B 321 -1.86 -7.26 20.07
N TYR B 322 -2.17 -8.48 19.61
CA TYR B 322 -1.26 -9.18 18.72
C TYR B 322 -1.06 -8.44 17.41
N GLY B 323 -2.14 -7.93 16.82
CA GLY B 323 -2.02 -7.15 15.60
C GLY B 323 -1.49 -5.76 15.82
N LEU B 324 -1.83 -5.14 16.95
CA LEU B 324 -1.37 -3.79 17.27
C LEU B 324 0.14 -3.74 17.50
N LEU B 325 0.76 -4.84 17.93
CA LEU B 325 2.21 -4.90 18.06
C LEU B 325 2.92 -4.98 16.72
N ALA B 326 2.42 -5.80 15.80
CA ALA B 326 2.96 -5.80 14.44
C ALA B 326 2.74 -4.46 13.75
N GLY B 327 1.59 -3.82 14.00
CA GLY B 327 1.38 -2.48 13.49
C GLY B 327 2.26 -1.44 14.16
N LEU B 328 2.45 -1.54 15.48
CA LEU B 328 3.25 -0.56 16.19
C LEU B 328 4.72 -0.64 15.80
N PHE B 329 5.25 -1.85 15.61
CA PHE B 329 6.64 -1.98 15.17
C PHE B 329 6.86 -1.32 13.83
N GLY B 330 5.97 -1.57 12.87
CA GLY B 330 6.05 -0.95 11.56
C GLY B 330 5.91 0.56 11.63
N SER B 331 4.98 1.03 12.46
CA SER B 331 4.81 2.47 12.62
C SER B 331 6.05 3.13 13.20
N LEU B 332 6.64 2.56 14.24
CA LEU B 332 7.86 3.10 14.82
C LEU B 332 9.03 3.05 13.85
N CYS B 333 9.18 1.97 13.09
CA CYS B 333 10.20 1.91 12.05
C CYS B 333 9.98 2.96 10.97
N GLY B 334 8.72 3.27 10.66
CA GLY B 334 8.42 4.34 9.71
C GLY B 334 8.68 5.72 10.30
N VAL B 335 8.35 5.90 11.58
CA VAL B 335 8.59 7.18 12.23
C VAL B 335 10.08 7.49 12.29
N ILE B 336 10.90 6.48 12.62
CA ILE B 336 12.34 6.70 12.69
C ILE B 336 12.88 7.11 11.32
N ILE B 337 12.47 6.40 10.26
CA ILE B 337 12.95 6.74 8.92
C ILE B 337 12.49 8.12 8.50
N GLY B 338 11.22 8.46 8.77
CA GLY B 338 10.70 9.75 8.41
C GLY B 338 11.35 10.90 9.15
N VAL B 339 11.72 10.70 10.41
CA VAL B 339 12.45 11.72 11.15
C VAL B 339 13.88 11.86 10.64
N VAL B 340 14.55 10.73 10.37
CA VAL B 340 15.93 10.78 9.89
C VAL B 340 15.99 11.48 8.54
N VAL B 341 15.08 11.14 7.63
CA VAL B 341 15.10 11.76 6.31
C VAL B 341 14.70 13.23 6.40
N SER B 342 13.71 13.55 7.24
CA SER B 342 13.27 14.93 7.38
C SER B 342 14.37 15.83 7.93
N LEU B 343 15.11 15.34 8.93
CA LEU B 343 16.17 16.16 9.51
C LEU B 343 17.31 16.44 8.54
N GLN B 344 17.46 15.62 7.51
CA GLN B 344 18.49 15.77 6.49
C GLN B 344 17.89 15.82 5.10
N LEU B 345 16.75 16.52 4.95
CA LEU B 345 16.09 16.59 3.65
C LEU B 345 16.83 17.50 2.68
N THR B 346 17.29 18.67 3.15
CA THR B 346 17.96 19.63 2.28
C THR B 346 19.23 19.07 1.65
N PRO B 347 20.09 18.32 2.35
CA PRO B 347 21.22 17.70 1.66
C PRO B 347 20.82 16.53 0.77
N ILE B 348 19.79 15.78 1.14
CA ILE B 348 19.36 14.65 0.33
C ILE B 348 18.85 15.13 -1.03
N ILE B 349 18.03 16.19 -1.03
CA ILE B 349 17.53 16.72 -2.29
C ILE B 349 18.67 17.29 -3.13
N GLU B 350 19.61 18.00 -2.51
CA GLU B 350 20.74 18.54 -3.25
C GLU B 350 21.60 17.43 -3.87
N TRP B 351 21.82 16.34 -3.14
CA TRP B 351 22.58 15.22 -3.68
C TRP B 351 21.82 14.47 -4.77
N ILE B 352 20.49 14.39 -4.66
CA ILE B 352 19.71 13.74 -5.70
C ILE B 352 19.74 14.58 -6.98
N GLU B 353 19.62 15.90 -6.84
CA GLU B 353 19.61 16.77 -8.02
C GLU B 353 20.95 16.79 -8.74
N LYS B 354 22.06 16.59 -8.01
CA LYS B 354 23.36 16.47 -8.67
C LYS B 354 23.56 15.13 -9.35
N LEU B 355 22.74 14.12 -9.02
CA LEU B 355 22.77 12.84 -9.69
C LEU B 355 21.88 12.85 -10.93
N ILE B 356 20.68 13.46 -10.83
CA ILE B 356 19.81 13.60 -11.99
C ILE B 356 20.41 14.53 -13.03
N GLY B 357 21.28 15.44 -12.62
CA GLY B 357 21.85 16.41 -13.54
C GLY B 357 21.08 17.72 -13.55
N HIS B 358 19.82 17.66 -13.98
CA HIS B 358 18.95 18.82 -13.93
C HIS B 358 18.22 18.86 -12.59
N GLN B 359 18.09 20.07 -12.05
CA GLN B 359 17.50 20.27 -10.73
C GLN B 359 16.07 20.80 -10.87
N PHE B 360 15.17 20.22 -10.08
CA PHE B 360 13.82 20.73 -9.97
C PHE B 360 13.79 21.89 -8.98
N LEU B 361 12.59 22.40 -8.70
CA LEU B 361 12.41 23.57 -7.85
C LEU B 361 13.25 24.75 -8.35
N SER B 362 12.99 25.13 -9.59
CA SER B 362 13.75 26.18 -10.24
C SER B 362 13.44 27.55 -9.62
N SER B 363 14.40 28.46 -9.76
CA SER B 363 14.28 29.82 -9.25
C SER B 363 13.76 30.79 -10.30
N ASP B 364 12.93 30.33 -11.23
CA ASP B 364 12.40 31.16 -12.29
C ASP B 364 10.94 31.55 -12.05
N ILE B 365 10.08 30.56 -11.80
CA ILE B 365 8.66 30.80 -11.62
C ILE B 365 8.14 30.33 -10.27
N TYR B 366 8.92 29.58 -9.51
CA TYR B 366 8.47 29.04 -8.24
C TYR B 366 8.60 30.07 -7.12
N PHE B 367 8.38 29.62 -5.88
CA PHE B 367 8.47 30.45 -4.69
C PHE B 367 9.89 30.52 -4.16
N ILE B 368 10.60 29.39 -4.12
CA ILE B 368 12.00 29.34 -3.74
C ILE B 368 12.74 28.42 -4.71
N ASP B 369 14.03 28.24 -4.47
CA ASP B 369 14.89 27.43 -5.31
C ASP B 369 15.38 26.17 -4.62
N PHE B 370 14.91 25.89 -3.41
CA PHE B 370 15.34 24.73 -2.65
C PHE B 370 14.12 24.08 -2.00
N LEU B 371 14.35 22.94 -1.35
CA LEU B 371 13.28 22.20 -0.66
C LEU B 371 13.49 22.30 0.84
N PRO B 372 12.69 23.11 1.54
CA PRO B 372 12.87 23.25 2.99
C PRO B 372 12.25 22.06 3.74
N SER B 373 12.58 22.00 5.03
CA SER B 373 12.06 20.94 5.88
C SER B 373 12.13 21.41 7.33
N GLU B 374 10.96 21.65 7.94
CA GLU B 374 10.87 22.04 9.34
C GLU B 374 10.09 20.95 10.06
N LEU B 375 10.73 20.29 11.02
CA LEU B 375 10.12 19.18 11.73
C LEU B 375 9.39 19.68 12.97
N HIS B 376 8.11 19.32 13.09
CA HIS B 376 7.30 19.65 14.24
C HIS B 376 6.92 18.37 14.97
N TRP B 377 7.06 18.37 16.29
CA TRP B 377 6.70 17.19 17.08
C TRP B 377 5.23 17.23 17.49
N LEU B 378 4.37 17.50 16.51
CA LEU B 378 2.94 17.33 16.64
C LEU B 378 2.30 16.64 15.45
N ASP B 379 2.91 16.73 14.26
CA ASP B 379 2.46 15.94 13.11
C ASP B 379 2.92 14.49 13.21
N VAL B 380 4.08 14.24 13.81
CA VAL B 380 4.53 12.87 14.03
C VAL B 380 3.56 12.15 14.97
N PHE B 381 3.13 12.81 16.05
CA PHE B 381 2.13 12.22 16.92
C PHE B 381 0.81 11.99 16.19
N TYR B 382 0.39 12.94 15.36
CA TYR B 382 -0.87 12.82 14.64
C TYR B 382 -0.85 11.70 13.60
N VAL B 383 0.30 11.43 12.99
CA VAL B 383 0.37 10.32 12.04
C VAL B 383 0.56 8.99 12.76
N LEU B 384 1.29 8.96 13.88
CA LEU B 384 1.39 7.74 14.66
C LEU B 384 0.02 7.32 15.22
N VAL B 385 -0.76 8.29 15.70
CA VAL B 385 -2.11 7.97 16.20
C VAL B 385 -2.99 7.45 15.06
N THR B 386 -2.91 8.07 13.89
CA THR B 386 -3.69 7.60 12.75
C THR B 386 -3.30 6.18 12.35
N ALA B 387 -1.99 5.90 12.30
CA ALA B 387 -1.53 4.56 11.96
C ALA B 387 -1.98 3.54 12.99
N LEU B 388 -1.87 3.85 14.28
CA LEU B 388 -2.33 2.96 15.33
C LEU B 388 -3.83 2.73 15.29
N LEU B 389 -4.63 3.76 15.05
CA LEU B 389 -6.08 3.60 14.91
C LEU B 389 -6.45 2.76 13.70
N LEU B 390 -5.78 2.96 12.56
CA LEU B 390 -6.05 2.13 11.40
C LEU B 390 -5.65 0.68 11.65
N SER B 391 -4.52 0.45 12.33
CA SER B 391 -4.13 -0.91 12.69
C SER B 391 -5.14 -1.56 13.63
N LEU B 392 -5.63 -0.81 14.62
CA LEU B 392 -6.64 -1.34 15.52
C LEU B 392 -7.93 -1.67 14.78
N LEU B 393 -8.35 -0.80 13.87
CA LEU B 393 -9.52 -1.09 13.05
C LEU B 393 -9.33 -2.33 12.18
N ALA B 394 -8.15 -2.50 11.59
CA ALA B 394 -7.87 -3.68 10.79
C ALA B 394 -7.90 -4.95 11.63
N SER B 395 -7.27 -4.91 12.80
CA SER B 395 -7.20 -6.07 13.68
C SER B 395 -8.34 -6.08 14.68
N TRP B 396 -9.57 -5.93 14.19
CA TRP B 396 -10.76 -5.97 15.02
C TRP B 396 -11.71 -7.09 14.61
N TYR B 397 -12.12 -7.12 13.35
CA TYR B 397 -13.02 -8.15 12.84
C TYR B 397 -12.40 -9.54 12.91
N PRO B 398 -11.14 -9.73 12.50
CA PRO B 398 -10.51 -11.05 12.71
C PRO B 398 -10.44 -11.44 14.17
N ALA B 399 -10.22 -10.49 15.08
CA ALA B 399 -10.25 -10.78 16.50
C ALA B 399 -11.63 -11.26 16.94
N ARG B 400 -12.69 -10.62 16.44
CA ARG B 400 -14.04 -11.07 16.73
C ARG B 400 -14.31 -12.46 16.17
N ARG B 401 -13.81 -12.76 14.97
CA ARG B 401 -13.95 -14.10 14.42
C ARG B 401 -13.22 -15.14 15.26
N ALA B 402 -12.06 -14.77 15.80
CA ALA B 402 -11.30 -15.68 16.66
C ALA B 402 -12.08 -16.09 17.91
N SER B 403 -12.99 -15.23 18.38
CA SER B 403 -13.79 -15.56 19.56
C SER B 403 -14.97 -16.47 19.23
N ASN B 404 -15.26 -16.68 17.95
CA ASN B 404 -16.37 -17.53 17.53
C ASN B 404 -15.94 -18.97 17.28
N ILE B 405 -14.67 -19.31 17.53
CA ILE B 405 -14.18 -20.66 17.29
C ILE B 405 -14.74 -21.58 18.36
N ASP B 406 -15.35 -22.67 17.93
CA ASP B 406 -15.89 -23.65 18.87
C ASP B 406 -14.76 -24.41 19.52
N PRO B 407 -14.64 -24.40 20.86
CA PRO B 407 -13.54 -25.11 21.52
C PRO B 407 -13.66 -26.63 21.46
N ALA B 408 -14.85 -27.17 21.15
CA ALA B 408 -15.04 -28.61 21.11
C ALA B 408 -15.06 -29.18 19.70
N ARG B 409 -15.31 -28.35 18.68
CA ARG B 409 -15.22 -28.81 17.30
C ARG B 409 -13.80 -29.28 16.99
N VAL B 410 -12.81 -28.50 17.42
CA VAL B 410 -11.43 -28.95 17.39
C VAL B 410 -11.14 -29.75 18.65
N LEU B 411 -10.42 -30.86 18.49
CA LEU B 411 -10.14 -31.75 19.61
C LEU B 411 -9.30 -31.03 20.66
N SER B 412 -9.90 -30.74 21.81
CA SER B 412 -9.22 -30.04 22.89
C SER B 412 -8.53 -31.01 23.84
N LYS C 3 -26.03 -33.28 49.62
CA LYS C 3 -26.75 -33.69 48.42
C LYS C 3 -25.78 -34.12 47.33
N ILE C 4 -26.24 -34.03 46.07
CA ILE C 4 -25.41 -34.42 44.94
C ILE C 4 -24.75 -33.18 44.35
N LEU C 5 -23.65 -33.41 43.63
CA LEU C 5 -22.90 -32.33 43.00
C LEU C 5 -23.25 -32.15 41.52
N LEU C 6 -23.40 -33.25 40.79
CA LEU C 6 -23.66 -33.19 39.36
C LEU C 6 -24.84 -34.11 39.04
N GLN C 7 -25.64 -33.70 38.06
CA GLN C 7 -26.83 -34.47 37.69
C GLN C 7 -27.08 -34.26 36.20
N CYS C 8 -26.87 -35.31 35.40
CA CYS C 8 -27.21 -35.30 33.99
C CYS C 8 -28.07 -36.51 33.69
N ASP C 9 -29.21 -36.29 33.02
CA ASP C 9 -30.14 -37.37 32.70
C ASP C 9 -30.80 -37.06 31.36
N ASN C 10 -31.12 -38.11 30.62
CA ASN C 10 -31.73 -38.01 29.29
C ASN C 10 -30.89 -37.11 28.39
N LEU C 11 -29.58 -37.38 28.42
CA LEU C 11 -28.60 -36.60 27.67
C LEU C 11 -28.50 -37.20 26.27
N CYS C 12 -29.27 -36.64 25.34
CA CYS C 12 -29.29 -37.11 23.95
C CYS C 12 -28.47 -36.13 23.12
N LYS C 13 -27.21 -36.47 22.89
CA LYS C 13 -26.31 -35.64 22.10
C LYS C 13 -26.22 -36.18 20.68
N ARG C 14 -26.45 -35.29 19.72
CA ARG C 14 -26.38 -35.63 18.30
C ARG C 14 -25.11 -35.06 17.68
N TYR C 15 -24.79 -35.54 16.48
CA TYR C 15 -23.62 -35.05 15.76
C TYR C 15 -23.92 -35.12 14.26
N GLN C 16 -23.26 -34.26 13.50
CA GLN C 16 -23.50 -34.15 12.06
C GLN C 16 -22.59 -35.13 11.33
N GLU C 17 -23.19 -36.21 10.83
CA GLU C 17 -22.48 -37.24 10.06
C GLU C 17 -23.34 -37.59 8.85
N GLY C 18 -23.03 -37.00 7.70
CA GLY C 18 -23.75 -37.29 6.48
C GLY C 18 -25.00 -36.45 6.30
N SER C 19 -24.89 -35.16 6.63
CA SER C 19 -25.99 -34.18 6.52
C SER C 19 -27.18 -34.54 7.39
N VAL C 20 -27.02 -35.43 8.36
CA VAL C 20 -28.08 -35.83 9.28
C VAL C 20 -27.53 -35.85 10.69
N GLN C 21 -28.36 -35.43 11.65
CA GLN C 21 -27.93 -35.42 13.05
C GLN C 21 -27.93 -36.83 13.61
N THR C 22 -26.83 -37.55 13.43
CA THR C 22 -26.74 -38.92 13.93
C THR C 22 -26.69 -38.93 15.45
N ASP C 23 -27.37 -39.91 16.04
CA ASP C 23 -27.45 -40.03 17.49
C ASP C 23 -26.17 -40.70 18.01
N VAL C 24 -25.30 -39.92 18.65
CA VAL C 24 -24.08 -40.44 19.21
C VAL C 24 -24.17 -40.67 20.72
N LEU C 25 -25.05 -39.95 21.42
CA LEU C 25 -25.32 -40.22 22.83
C LEU C 25 -26.83 -40.15 23.06
N HIS C 26 -27.32 -41.04 23.92
CA HIS C 26 -28.76 -41.08 24.19
C HIS C 26 -28.98 -41.69 25.57
N ASN C 27 -29.81 -41.02 26.39
CA ASN C 27 -30.22 -41.51 27.71
C ASN C 27 -29.01 -41.77 28.59
N VAL C 28 -28.22 -40.71 28.81
CA VAL C 28 -27.08 -40.76 29.72
C VAL C 28 -27.55 -40.23 31.06
N SER C 29 -27.62 -41.10 32.06
CA SER C 29 -28.16 -40.75 33.36
C SER C 29 -27.18 -41.06 34.48
N PHE C 30 -25.92 -40.67 34.31
CA PHE C 30 -24.89 -40.87 35.31
C PHE C 30 -24.87 -39.69 36.28
N SER C 31 -24.60 -39.99 37.54
CA SER C 31 -24.54 -38.98 38.60
C SER C 31 -23.15 -38.99 39.23
N VAL C 32 -22.68 -37.80 39.58
CA VAL C 32 -21.35 -37.62 40.17
C VAL C 32 -21.52 -37.07 41.58
N GLY C 33 -20.89 -37.72 42.56
CA GLY C 33 -20.94 -37.27 43.93
C GLY C 33 -19.73 -36.41 44.30
N GLU C 34 -19.70 -36.00 45.56
CA GLU C 34 -18.62 -35.17 46.08
C GLU C 34 -17.55 -36.08 46.68
N GLY C 35 -16.34 -36.03 46.11
CA GLY C 35 -15.20 -36.76 46.61
C GLY C 35 -15.05 -38.15 46.05
N GLU C 36 -16.15 -38.83 45.75
CA GLU C 36 -16.11 -40.20 45.24
C GLU C 36 -15.50 -40.22 43.85
N MET C 37 -14.63 -41.20 43.61
CA MET C 37 -13.87 -41.29 42.37
C MET C 37 -14.48 -42.38 41.48
N MET C 38 -14.80 -42.01 40.25
CA MET C 38 -15.34 -42.94 39.26
C MET C 38 -14.43 -43.00 38.04
N ALA C 39 -14.75 -43.91 37.14
CA ALA C 39 -13.99 -44.08 35.90
C ALA C 39 -14.93 -44.59 34.82
N ILE C 40 -14.81 -44.01 33.63
CA ILE C 40 -15.62 -44.39 32.47
C ILE C 40 -14.69 -45.02 31.45
N VAL C 41 -15.01 -46.24 31.02
CA VAL C 41 -14.21 -46.99 30.07
C VAL C 41 -15.04 -47.22 28.81
N GLY C 42 -14.45 -46.88 27.65
CA GLY C 42 -15.13 -47.07 26.39
C GLY C 42 -14.12 -47.09 25.25
N SER C 43 -14.59 -47.53 24.08
CA SER C 43 -13.75 -47.59 22.91
C SER C 43 -13.51 -46.20 22.34
N SER C 44 -12.37 -46.04 21.66
CA SER C 44 -12.03 -44.77 21.03
C SER C 44 -12.86 -44.57 19.77
N GLY C 45 -14.03 -43.98 19.92
CA GLY C 45 -14.93 -43.78 18.79
C GLY C 45 -16.38 -43.99 19.16
N SER C 46 -16.64 -44.44 20.38
CA SER C 46 -17.98 -44.68 20.87
C SER C 46 -18.64 -43.43 21.46
N GLY C 47 -17.97 -42.28 21.37
CA GLY C 47 -18.53 -41.06 21.90
C GLY C 47 -18.12 -40.72 23.32
N LYS C 48 -17.12 -41.41 23.86
CA LYS C 48 -16.65 -41.12 25.20
C LYS C 48 -15.85 -39.82 25.28
N SER C 49 -15.11 -39.49 24.22
CA SER C 49 -14.36 -38.22 24.21
C SER C 49 -15.28 -37.02 24.04
N THR C 50 -16.33 -37.15 23.23
CA THR C 50 -17.30 -36.07 23.05
C THR C 50 -18.14 -35.83 24.30
N LEU C 51 -18.40 -36.87 25.10
CA LEU C 51 -19.17 -36.70 26.33
C LEU C 51 -18.46 -35.77 27.30
N LEU C 52 -17.12 -35.76 27.29
CA LEU C 52 -16.37 -34.94 28.24
C LEU C 52 -16.62 -33.45 28.04
N HIS C 53 -16.70 -33.01 26.77
CA HIS C 53 -16.93 -31.60 26.49
C HIS C 53 -18.31 -31.13 26.92
N LEU C 54 -19.31 -32.01 26.87
CA LEU C 54 -20.66 -31.62 27.26
C LEU C 54 -20.76 -31.30 28.75
N LEU C 55 -20.01 -32.01 29.59
CA LEU C 55 -20.05 -31.76 31.03
C LEU C 55 -19.38 -30.43 31.40
N GLY C 56 -18.43 -29.98 30.58
CA GLY C 56 -17.73 -28.74 30.82
C GLY C 56 -18.40 -27.50 30.25
N GLY C 57 -19.59 -27.64 29.68
CA GLY C 57 -20.27 -26.50 29.12
C GLY C 57 -19.69 -26.00 27.82
N LEU C 58 -18.94 -26.83 27.11
CA LEU C 58 -18.31 -26.45 25.86
C LEU C 58 -19.18 -26.74 24.64
N ASP C 59 -20.35 -27.35 24.84
CA ASP C 59 -21.23 -27.69 23.72
C ASP C 59 -22.67 -27.44 24.16
N THR C 60 -23.61 -27.91 23.34
CA THR C 60 -25.03 -27.81 23.64
C THR C 60 -25.71 -29.12 23.22
N PRO C 61 -26.22 -29.90 24.17
CA PRO C 61 -26.81 -31.20 23.81
C PRO C 61 -28.15 -31.09 23.10
N THR C 62 -28.82 -29.93 23.18
CA THR C 62 -30.03 -29.53 22.45
C THR C 62 -31.18 -30.51 22.66
N SER C 63 -30.98 -31.51 23.53
CA SER C 63 -32.04 -32.46 23.85
C SER C 63 -32.05 -32.83 25.33
N GLY C 64 -31.23 -32.19 26.16
CA GLY C 64 -31.19 -32.49 27.57
C GLY C 64 -30.61 -31.35 28.39
N ASP C 65 -30.33 -31.60 29.67
CA ASP C 65 -29.80 -30.57 30.55
C ASP C 65 -28.88 -31.22 31.58
N VAL C 66 -27.81 -30.52 31.93
CA VAL C 66 -26.85 -30.97 32.93
C VAL C 66 -26.83 -29.92 34.03
N ILE C 67 -27.04 -30.35 35.27
CA ILE C 67 -27.09 -29.47 36.42
C ILE C 67 -25.84 -29.69 37.27
N PHE C 68 -25.06 -28.64 37.47
CA PHE C 68 -23.85 -28.69 38.27
C PHE C 68 -24.03 -27.83 39.51
N ASN C 69 -23.87 -28.44 40.69
CA ASN C 69 -24.00 -27.75 41.97
C ASN C 69 -25.36 -27.05 42.09
N GLY C 70 -26.42 -27.72 41.62
CA GLY C 70 -27.74 -27.17 41.70
C GLY C 70 -28.04 -26.07 40.70
N GLN C 71 -27.25 -25.95 39.64
CA GLN C 71 -27.48 -24.92 38.64
C GLN C 71 -27.17 -25.45 37.24
N PRO C 72 -28.16 -25.54 36.36
CA PRO C 72 -27.90 -25.97 34.98
C PRO C 72 -27.25 -24.84 34.18
N MET C 73 -26.70 -25.22 33.03
CA MET C 73 -26.01 -24.29 32.15
C MET C 73 -26.92 -23.66 31.12
N SER C 74 -28.22 -23.97 31.15
CA SER C 74 -29.14 -23.43 30.15
C SER C 74 -29.33 -21.93 30.33
N LYS C 75 -29.62 -21.48 31.55
CA LYS C 75 -29.86 -20.07 31.82
C LYS C 75 -28.58 -19.36 32.26
N LEU C 76 -27.53 -19.56 31.46
CA LEU C 76 -26.25 -18.91 31.71
C LEU C 76 -25.67 -18.46 30.39
N SER C 77 -24.94 -17.34 30.40
CA SER C 77 -24.27 -16.85 29.21
C SER C 77 -22.90 -17.50 29.06
N SER C 78 -22.16 -17.07 28.03
CA SER C 78 -20.82 -17.61 27.83
C SER C 78 -19.86 -17.15 28.92
N ALA C 79 -19.99 -15.91 29.37
CA ALA C 79 -19.12 -15.41 30.44
C ALA C 79 -19.34 -16.18 31.74
N ALA C 80 -20.60 -16.45 32.09
CA ALA C 80 -20.91 -17.24 33.27
C ALA C 80 -20.37 -18.67 33.17
N LYS C 81 -20.49 -19.30 32.01
CA LYS C 81 -19.91 -20.63 31.82
C LYS C 81 -18.39 -20.62 31.91
N ALA C 82 -17.73 -19.61 31.35
CA ALA C 82 -16.28 -19.52 31.48
C ALA C 82 -15.87 -19.31 32.93
N GLU C 83 -16.61 -18.48 33.67
CA GLU C 83 -16.34 -18.28 35.09
C GLU C 83 -16.53 -19.56 35.88
N LEU C 84 -17.59 -20.33 35.59
CA LEU C 84 -17.78 -21.61 36.26
C LEU C 84 -16.67 -22.59 35.92
N ARG C 85 -16.22 -22.61 34.66
CA ARG C 85 -15.09 -23.46 34.28
C ARG C 85 -13.81 -23.08 35.00
N ASN C 86 -13.54 -21.79 35.15
CA ASN C 86 -12.34 -21.34 35.85
C ASN C 86 -12.44 -21.51 37.36
N GLN C 87 -13.65 -21.55 37.91
CA GLN C 87 -13.82 -21.61 39.36
C GLN C 87 -13.96 -23.04 39.87
N LYS C 88 -14.99 -23.76 39.42
CA LYS C 88 -15.30 -25.09 39.94
C LYS C 88 -15.17 -26.18 38.87
N LEU C 89 -14.10 -26.13 38.07
CA LEU C 89 -13.87 -27.16 37.07
C LEU C 89 -12.38 -27.35 36.87
N GLY C 90 -12.04 -28.23 35.94
CA GLY C 90 -10.65 -28.54 35.63
C GLY C 90 -10.56 -29.58 34.53
N PHE C 91 -9.66 -29.36 33.57
CA PHE C 91 -9.58 -30.20 32.39
C PHE C 91 -8.19 -30.79 32.25
N ILE C 92 -8.14 -32.09 31.92
CA ILE C 92 -6.90 -32.80 31.64
C ILE C 92 -7.13 -33.64 30.39
N TYR C 93 -6.25 -33.49 29.40
CA TYR C 93 -6.39 -34.17 28.12
C TYR C 93 -5.17 -35.07 27.87
N GLN C 94 -5.23 -35.80 26.77
CA GLN C 94 -4.16 -36.73 26.40
C GLN C 94 -3.29 -36.22 25.27
N PHE C 95 -3.68 -35.13 24.61
CA PHE C 95 -2.92 -34.57 23.49
C PHE C 95 -1.79 -33.67 23.95
N HIS C 96 -1.61 -33.50 25.26
CA HIS C 96 -0.59 -32.62 25.84
C HIS C 96 -0.80 -31.18 25.37
N HIS C 97 -1.95 -30.64 25.77
CA HIS C 97 -2.38 -29.31 25.36
C HIS C 97 -1.72 -28.27 26.26
N LEU C 98 -0.60 -27.73 25.80
CA LEU C 98 0.10 -26.65 26.48
C LEU C 98 0.43 -25.56 25.48
N LEU C 99 0.84 -24.40 26.01
CA LEU C 99 1.19 -23.27 25.17
C LEU C 99 2.70 -23.22 25.01
N PRO C 100 3.23 -23.43 23.80
CA PRO C 100 4.69 -23.42 23.62
C PRO C 100 5.26 -22.02 23.47
N ASP C 101 4.79 -21.10 24.30
CA ASP C 101 5.31 -19.73 24.32
C ASP C 101 5.61 -19.31 25.75
N PHE C 102 4.91 -19.91 26.71
CA PHE C 102 5.08 -19.61 28.12
C PHE C 102 6.07 -20.58 28.75
N THR C 103 6.58 -20.19 29.92
CA THR C 103 7.41 -21.07 30.70
C THR C 103 6.55 -22.03 31.52
N ALA C 104 7.20 -22.99 32.18
CA ALA C 104 6.45 -23.95 32.99
C ALA C 104 5.77 -23.29 34.17
N LEU C 105 6.40 -22.26 34.75
CA LEU C 105 5.79 -21.55 35.88
C LEU C 105 4.57 -20.77 35.46
N GLU C 106 4.64 -20.07 34.32
CA GLU C 106 3.52 -19.25 33.86
C GLU C 106 2.42 -20.08 33.20
N ASN C 107 2.73 -21.29 32.74
CA ASN C 107 1.71 -22.12 32.10
C ASN C 107 0.63 -22.54 33.10
N VAL C 108 1.03 -22.87 34.33
CA VAL C 108 0.08 -23.30 35.35
C VAL C 108 -0.56 -22.12 36.07
N ALA C 109 -0.05 -20.91 35.91
CA ALA C 109 -0.61 -19.73 36.55
C ALA C 109 -1.70 -19.06 35.72
N MET C 110 -1.98 -19.57 34.53
CA MET C 110 -3.01 -19.02 33.66
C MET C 110 -4.40 -19.06 34.31
N PRO C 111 -4.82 -20.19 34.89
CA PRO C 111 -6.13 -20.17 35.59
C PRO C 111 -6.19 -19.15 36.71
N LEU C 112 -5.09 -18.94 37.45
CA LEU C 112 -5.06 -17.90 38.46
C LEU C 112 -4.96 -16.50 37.87
N LEU C 113 -4.28 -16.35 36.73
CA LEU C 113 -4.19 -15.06 36.07
C LEU C 113 -5.55 -14.60 35.55
N ILE C 114 -6.35 -15.52 35.00
CA ILE C 114 -7.69 -15.16 34.53
C ILE C 114 -8.58 -14.77 35.71
N GLY C 115 -8.43 -15.43 36.86
CA GLY C 115 -9.23 -15.10 38.02
C GLY C 115 -8.86 -13.81 38.70
N LYS C 116 -7.73 -13.19 38.31
CA LYS C 116 -7.29 -11.91 38.85
C LYS C 116 -7.09 -12.00 40.37
N LYS C 117 -6.20 -12.90 40.77
CA LYS C 117 -5.87 -13.08 42.17
C LYS C 117 -4.75 -12.12 42.56
N LYS C 118 -4.19 -12.32 43.74
CA LYS C 118 -3.10 -11.45 44.19
C LYS C 118 -1.87 -11.68 43.30
N PRO C 119 -1.13 -10.61 42.97
CA PRO C 119 0.08 -10.79 42.15
C PRO C 119 1.11 -11.69 42.79
N ALA C 120 1.24 -11.66 44.12
CA ALA C 120 2.15 -12.54 44.83
C ALA C 120 1.56 -13.92 45.09
N GLU C 121 0.25 -14.08 44.94
CA GLU C 121 -0.36 -15.40 45.13
C GLU C 121 0.05 -16.38 44.05
N ILE C 122 0.16 -15.91 42.79
CA ILE C 122 0.61 -16.77 41.70
C ILE C 122 2.10 -17.09 41.80
N ASN C 123 2.83 -16.38 42.65
CA ASN C 123 4.24 -16.68 42.91
C ASN C 123 4.42 -17.47 44.20
N SER C 124 3.34 -17.98 44.77
CA SER C 124 3.38 -18.80 45.97
C SER C 124 2.63 -20.12 45.81
N ARG C 125 1.62 -20.16 44.94
CA ARG C 125 0.81 -21.37 44.77
C ARG C 125 1.20 -22.18 43.55
N ALA C 126 1.79 -21.56 42.53
CA ALA C 126 2.15 -22.30 41.33
C ALA C 126 3.34 -23.21 41.57
N LEU C 127 4.46 -22.65 42.03
CA LEU C 127 5.62 -23.45 42.38
C LEU C 127 5.32 -24.42 43.52
N GLU C 128 4.35 -24.12 44.37
CA GLU C 128 3.91 -25.09 45.36
C GLU C 128 3.35 -26.35 44.70
N MET C 129 2.51 -26.18 43.68
CA MET C 129 2.03 -27.33 42.93
C MET C 129 3.15 -28.02 42.17
N LEU C 130 4.08 -27.24 41.61
CA LEU C 130 5.22 -27.83 40.88
C LEU C 130 6.10 -28.68 41.79
N LYS C 131 6.35 -28.23 43.03
CA LYS C 131 7.11 -29.04 43.97
C LYS C 131 6.29 -30.18 44.57
N ALA C 132 4.96 -30.03 44.64
CA ALA C 132 4.12 -31.16 45.03
C ALA C 132 4.19 -32.27 44.00
N VAL C 133 4.15 -31.93 42.72
CA VAL C 133 4.34 -32.94 41.67
C VAL C 133 5.82 -33.24 41.46
N GLY C 134 6.71 -32.35 41.90
CA GLY C 134 8.14 -32.59 41.82
C GLY C 134 8.77 -32.10 40.53
N LEU C 135 8.41 -30.89 40.09
CA LEU C 135 8.98 -30.33 38.88
C LEU C 135 9.33 -28.85 39.02
N ASP C 136 9.59 -28.38 40.24
CA ASP C 136 9.90 -26.97 40.45
C ASP C 136 11.28 -26.59 39.95
N HIS C 137 12.19 -27.56 39.77
CA HIS C 137 13.52 -27.26 39.28
C HIS C 137 13.49 -26.82 37.81
N ARG C 138 12.47 -27.25 37.07
CA ARG C 138 12.34 -26.92 35.65
C ARG C 138 11.23 -25.89 35.41
N ALA C 139 10.96 -25.07 36.43
CA ALA C 139 9.92 -24.06 36.31
C ALA C 139 10.27 -23.02 35.25
N ASN C 140 11.53 -22.58 35.21
CA ASN C 140 11.98 -21.59 34.23
C ASN C 140 12.62 -22.31 33.04
N HIS C 141 11.75 -22.98 32.27
CA HIS C 141 12.16 -23.72 31.10
C HIS C 141 11.13 -23.50 30.00
N ARG C 142 11.22 -24.31 28.94
CA ARG C 142 10.33 -24.22 27.80
C ARG C 142 9.83 -25.62 27.47
N PRO C 143 8.56 -25.76 27.07
CA PRO C 143 8.07 -27.09 26.67
C PRO C 143 8.83 -27.69 25.50
N SER C 144 9.43 -26.87 24.64
CA SER C 144 10.22 -27.41 23.54
C SER C 144 11.51 -28.09 24.03
N GLU C 145 11.90 -27.85 25.27
CA GLU C 145 13.11 -28.45 25.82
C GLU C 145 12.82 -29.71 26.64
N LEU C 146 11.70 -29.75 27.34
CA LEU C 146 11.37 -30.89 28.18
C LEU C 146 10.99 -32.10 27.33
N SER C 147 11.21 -33.28 27.89
CA SER C 147 10.87 -34.53 27.22
C SER C 147 9.36 -34.73 27.22
N GLY C 148 8.91 -35.73 26.45
CA GLY C 148 7.48 -35.96 26.32
C GLY C 148 6.81 -36.30 27.63
N GLY C 149 7.44 -37.17 28.42
CA GLY C 149 6.88 -37.56 29.71
C GLY C 149 7.15 -36.60 30.84
N GLU C 150 7.95 -35.57 30.60
CA GLU C 150 8.29 -34.61 31.66
C GLU C 150 7.23 -33.53 31.79
N ARG C 151 6.90 -32.86 30.68
CA ARG C 151 5.95 -31.76 30.70
C ARG C 151 4.51 -32.22 30.84
N GLN C 152 4.24 -33.52 30.73
CA GLN C 152 2.88 -34.01 30.94
C GLN C 152 2.39 -33.73 32.36
N ARG C 153 3.25 -33.95 33.36
CA ARG C 153 2.89 -33.64 34.73
C ARG C 153 2.62 -32.16 34.93
N VAL C 154 3.28 -31.29 34.17
CA VAL C 154 2.96 -29.87 34.21
C VAL C 154 1.51 -29.64 33.76
N ALA C 155 1.08 -30.32 32.69
CA ALA C 155 -0.30 -30.23 32.26
C ALA C 155 -1.26 -30.82 33.29
N ILE C 156 -0.86 -31.89 33.98
CA ILE C 156 -1.71 -32.45 35.03
C ILE C 156 -1.88 -31.45 36.17
N ALA C 157 -0.79 -30.80 36.59
CA ALA C 157 -0.85 -29.85 37.70
C ALA C 157 -1.42 -28.50 37.29
N ARG C 158 -1.52 -28.21 35.99
CA ARG C 158 -2.10 -26.94 35.55
C ARG C 158 -3.55 -26.80 35.99
N ALA C 159 -4.32 -27.88 35.88
CA ALA C 159 -5.73 -27.82 36.26
C ALA C 159 -5.93 -27.80 37.77
N LEU C 160 -4.97 -28.32 38.53
CA LEU C 160 -5.11 -28.40 39.99
C LEU C 160 -4.40 -27.22 40.67
N VAL C 161 -4.94 -26.02 40.44
CA VAL C 161 -4.37 -24.81 41.04
C VAL C 161 -5.43 -24.05 41.83
N ASN C 162 -6.56 -23.75 41.20
CA ASN C 162 -7.60 -22.92 41.81
C ASN C 162 -8.66 -23.75 42.52
N ASN C 163 -8.23 -24.67 43.39
CA ASN C 163 -9.09 -25.52 44.21
C ASN C 163 -10.21 -26.14 43.37
N PRO C 164 -9.90 -27.08 42.47
CA PRO C 164 -10.93 -27.63 41.59
C PRO C 164 -11.84 -28.59 42.35
N ARG C 165 -13.14 -28.31 42.32
CA ARG C 165 -14.11 -29.18 42.96
C ARG C 165 -14.34 -30.45 42.16
N LEU C 166 -14.37 -30.35 40.83
CA LEU C 166 -14.55 -31.52 39.97
C LEU C 166 -13.52 -31.44 38.85
N VAL C 167 -12.80 -32.54 38.63
CA VAL C 167 -11.70 -32.59 37.67
C VAL C 167 -12.04 -33.62 36.60
N LEU C 168 -12.15 -33.15 35.36
CA LEU C 168 -12.32 -34.03 34.22
C LEU C 168 -10.97 -34.52 33.72
N ALA C 169 -10.89 -35.79 33.32
CA ALA C 169 -9.67 -36.34 32.76
C ALA C 169 -9.99 -37.14 31.51
N ASP C 170 -9.02 -37.23 30.61
CA ASP C 170 -9.17 -38.00 29.38
C ASP C 170 -7.80 -38.61 29.07
N GLU C 171 -7.62 -39.86 29.49
CA GLU C 171 -6.37 -40.60 29.33
C GLU C 171 -5.19 -39.82 29.91
N PRO C 172 -5.14 -39.63 31.24
CA PRO C 172 -3.99 -38.93 31.82
C PRO C 172 -2.67 -39.64 31.58
N THR C 173 -2.69 -40.98 31.57
CA THR C 173 -1.48 -41.76 31.30
C THR C 173 -1.58 -42.29 29.86
N GLY C 174 -1.16 -41.46 28.92
CA GLY C 174 -1.19 -41.83 27.52
C GLY C 174 0.17 -41.82 26.88
N ASN C 175 1.08 -40.99 27.39
CA ASN C 175 2.42 -40.86 26.86
C ASN C 175 3.52 -41.26 27.83
N LEU C 176 3.39 -40.91 29.10
CA LEU C 176 4.41 -41.28 30.08
C LEU C 176 4.31 -42.76 30.41
N ASP C 177 5.44 -43.32 30.85
CA ASP C 177 5.53 -44.75 31.15
C ASP C 177 4.85 -45.05 32.48
N ALA C 178 4.92 -46.31 32.91
CA ALA C 178 4.30 -46.73 34.15
C ALA C 178 5.14 -46.38 35.38
N ARG C 179 6.38 -45.91 35.19
CA ARG C 179 7.22 -45.53 36.31
C ARG C 179 6.60 -44.37 37.08
N ASN C 180 6.08 -43.38 36.36
CA ASN C 180 5.44 -42.22 36.97
C ASN C 180 3.92 -42.33 37.02
N ALA C 181 3.37 -43.44 36.52
CA ALA C 181 1.91 -43.62 36.54
C ALA C 181 1.37 -43.67 37.97
N ASP C 182 2.05 -44.39 38.86
CA ASP C 182 1.68 -44.38 40.27
C ASP C 182 2.12 -43.10 40.95
N SER C 183 3.20 -42.48 40.47
CA SER C 183 3.66 -41.21 41.04
C SER C 183 2.69 -40.07 40.81
N ILE C 184 2.00 -40.05 39.66
CA ILE C 184 1.01 -39.01 39.39
C ILE C 184 -0.36 -39.36 39.95
N PHE C 185 -0.55 -40.57 40.46
CA PHE C 185 -1.83 -40.97 41.02
C PHE C 185 -1.88 -40.89 42.55
N GLN C 186 -0.73 -41.00 43.22
CA GLN C 186 -0.71 -40.95 44.68
C GLN C 186 -1.17 -39.60 45.21
N LEU C 187 -0.64 -38.50 44.65
CA LEU C 187 -1.07 -37.18 45.08
C LEU C 187 -2.50 -36.88 44.65
N LEU C 188 -2.93 -37.39 43.49
CA LEU C 188 -4.32 -37.23 43.08
C LEU C 188 -5.27 -37.92 44.07
N GLY C 189 -4.92 -39.11 44.53
CA GLY C 189 -5.71 -39.77 45.56
C GLY C 189 -5.64 -39.05 46.90
N GLU C 190 -4.47 -38.52 47.25
CA GLU C 190 -4.34 -37.76 48.50
C GLU C 190 -5.16 -36.48 48.49
N LEU C 191 -5.35 -35.86 47.33
CA LEU C 191 -6.18 -34.67 47.23
C LEU C 191 -7.63 -34.93 47.67
N ASN C 192 -8.11 -36.16 47.49
CA ASN C 192 -9.45 -36.51 47.96
C ASN C 192 -9.55 -36.53 49.48
N ARG C 193 -8.43 -36.72 50.18
CA ARG C 193 -8.41 -36.71 51.63
C ARG C 193 -7.96 -35.38 52.22
N LEU C 194 -7.23 -34.57 51.45
CA LEU C 194 -6.75 -33.29 51.95
C LEU C 194 -7.86 -32.24 51.96
N GLN C 195 -8.45 -31.97 50.80
CA GLN C 195 -9.51 -30.98 50.69
C GLN C 195 -10.84 -31.57 50.24
N GLY C 196 -10.89 -32.85 49.87
CA GLY C 196 -12.12 -33.48 49.47
C GLY C 196 -12.58 -33.08 48.07
N THR C 197 -11.77 -33.40 47.06
CA THR C 197 -12.08 -33.11 45.67
C THR C 197 -12.48 -34.38 44.94
N ALA C 198 -13.23 -34.20 43.86
CA ALA C 198 -13.71 -35.29 43.04
C ALA C 198 -13.16 -35.17 41.62
N PHE C 199 -12.85 -36.32 41.01
CA PHE C 199 -12.35 -36.32 39.65
C PHE C 199 -12.83 -37.58 38.95
N LEU C 200 -13.17 -37.44 37.68
CA LEU C 200 -13.56 -38.57 36.84
C LEU C 200 -12.57 -38.70 35.69
N VAL C 201 -12.28 -39.94 35.31
CA VAL C 201 -11.26 -40.27 34.33
C VAL C 201 -11.89 -41.17 33.28
N VAL C 202 -11.66 -40.86 32.01
CA VAL C 202 -12.18 -41.63 30.89
C VAL C 202 -10.99 -42.24 30.14
N THR C 203 -10.90 -43.57 30.18
CA THR C 203 -9.86 -44.31 29.47
C THR C 203 -10.53 -45.41 28.66
N HIS C 204 -9.71 -46.29 28.08
CA HIS C 204 -10.18 -47.45 27.35
C HIS C 204 -9.66 -48.77 27.90
N ASP C 205 -8.86 -48.73 28.97
CA ASP C 205 -8.25 -49.92 29.54
C ASP C 205 -8.75 -50.12 30.96
N LEU C 206 -8.94 -51.38 31.35
CA LEU C 206 -9.39 -51.72 32.69
C LEU C 206 -8.27 -52.04 33.66
N GLN C 207 -7.02 -52.05 33.20
CA GLN C 207 -5.90 -52.39 34.08
C GLN C 207 -5.57 -51.28 35.06
N LEU C 208 -5.69 -50.02 34.63
CA LEU C 208 -5.39 -48.89 35.50
C LEU C 208 -6.62 -48.40 36.27
N ALA C 209 -7.76 -49.06 36.13
CA ALA C 209 -8.97 -48.71 36.85
C ALA C 209 -9.09 -49.43 38.18
N LYS C 210 -8.08 -50.22 38.56
CA LYS C 210 -8.13 -50.94 39.83
C LYS C 210 -8.13 -49.98 41.01
N ARG C 211 -7.34 -48.91 40.94
CA ARG C 211 -7.25 -47.94 42.03
C ARG C 211 -8.48 -47.06 42.14
N MET C 212 -9.36 -47.06 41.14
CA MET C 212 -10.59 -46.28 41.19
C MET C 212 -11.62 -46.99 42.07
N SER C 213 -12.47 -46.18 42.71
CA SER C 213 -13.48 -46.68 43.62
C SER C 213 -14.81 -47.00 42.93
N ARG C 214 -14.89 -46.82 41.62
CA ARG C 214 -16.13 -47.06 40.89
C ARG C 214 -15.80 -47.46 39.46
N GLN C 215 -16.75 -48.12 38.81
CA GLN C 215 -16.58 -48.57 37.43
C GLN C 215 -17.91 -48.41 36.71
N LEU C 216 -17.95 -47.45 35.77
CA LEU C 216 -19.16 -47.10 35.02
C LEU C 216 -18.88 -47.08 33.53
N GLU C 217 -18.26 -48.15 33.03
CA GLU C 217 -17.91 -48.22 31.62
C GLU C 217 -19.16 -48.09 30.74
N MET C 218 -18.99 -47.45 29.60
CA MET C 218 -20.09 -47.09 28.72
C MET C 218 -19.83 -47.59 27.31
N ARG C 219 -20.89 -48.06 26.65
CA ARG C 219 -20.83 -48.50 25.26
C ARG C 219 -21.96 -47.80 24.49
N ASP C 220 -21.59 -46.89 23.59
CA ASP C 220 -22.53 -46.19 22.72
C ASP C 220 -23.57 -45.42 23.55
N GLY C 221 -23.06 -44.61 24.47
CA GLY C 221 -23.91 -43.73 25.24
C GLY C 221 -24.73 -44.39 26.33
N ARG C 222 -24.48 -45.67 26.62
CA ARG C 222 -25.22 -46.39 27.65
C ARG C 222 -24.24 -46.97 28.66
N LEU C 223 -24.46 -46.66 29.94
CA LEU C 223 -23.67 -47.19 31.05
C LEU C 223 -24.65 -47.76 32.08
N THR C 224 -24.87 -49.07 32.01
CA THR C 224 -25.88 -49.73 32.83
C THR C 224 -25.29 -50.74 33.81
N ALA C 225 -24.50 -51.69 33.32
CA ALA C 225 -24.01 -52.78 34.15
C ALA C 225 -22.55 -53.04 33.83
N GLU C 226 -22.04 -54.17 34.31
CA GLU C 226 -20.63 -54.53 34.15
C GLU C 226 -20.41 -55.45 32.96
N LEU C 227 -21.22 -55.33 31.92
CA LEU C 227 -21.05 -56.15 30.73
C LEU C 227 -19.77 -55.76 29.99
N SER C 228 -19.07 -56.75 29.46
CA SER C 228 -17.82 -56.51 28.75
C SER C 228 -17.54 -57.62 27.75
N LYS D 3 10.38 -60.07 -17.12
CA LYS D 3 11.49 -59.66 -16.27
C LYS D 3 10.97 -59.00 -15.00
N ILE D 4 11.80 -58.15 -14.38
CA ILE D 4 11.43 -57.46 -13.16
C ILE D 4 10.89 -56.08 -13.50
N LEU D 5 10.10 -55.52 -12.58
CA LEU D 5 9.50 -54.21 -12.78
C LEU D 5 10.29 -53.09 -12.13
N LEU D 6 10.81 -53.32 -10.93
CA LEU D 6 11.56 -52.30 -10.19
C LEU D 6 12.87 -52.90 -9.69
N GLN D 7 13.89 -52.04 -9.59
CA GLN D 7 15.20 -52.48 -9.13
C GLN D 7 15.87 -51.32 -8.39
N CYS D 8 15.99 -51.46 -7.07
CA CYS D 8 16.74 -50.51 -6.25
C CYS D 8 17.78 -51.28 -5.45
N ASP D 9 19.04 -50.85 -5.55
CA ASP D 9 20.13 -51.54 -4.88
C ASP D 9 21.12 -50.52 -4.36
N ASN D 10 21.64 -50.75 -3.15
CA ASN D 10 22.63 -49.88 -2.50
C ASN D 10 22.11 -48.44 -2.42
N LEU D 11 20.96 -48.30 -1.78
CA LEU D 11 20.31 -47.01 -1.57
C LEU D 11 20.78 -46.45 -0.23
N CYS D 12 21.81 -45.62 -0.27
CA CYS D 12 22.37 -44.98 0.92
C CYS D 12 21.81 -43.57 1.01
N LYS D 13 20.61 -43.45 1.56
CA LYS D 13 19.95 -42.17 1.70
C LYS D 13 20.36 -41.51 3.01
N ARG D 14 20.85 -40.28 2.91
CA ARG D 14 21.26 -39.49 4.06
C ARG D 14 20.20 -38.44 4.38
N TYR D 15 20.33 -37.84 5.56
CA TYR D 15 19.42 -36.79 5.98
C TYR D 15 20.18 -35.82 6.89
N GLN D 16 19.73 -34.57 6.91
CA GLN D 16 20.41 -33.51 7.66
C GLN D 16 19.89 -33.51 9.10
N GLU D 17 20.70 -34.00 10.03
CA GLU D 17 20.36 -34.03 11.45
C GLU D 17 21.59 -33.57 12.23
N GLY D 18 21.63 -32.26 12.54
CA GLY D 18 22.72 -31.72 13.32
C GLY D 18 23.90 -31.27 12.47
N SER D 19 23.61 -30.59 11.36
CA SER D 19 24.60 -30.07 10.42
C SER D 19 25.46 -31.16 9.80
N VAL D 20 25.06 -32.42 9.92
CA VAL D 20 25.80 -33.54 9.34
C VAL D 20 24.80 -34.45 8.62
N GLN D 21 25.22 -35.01 7.49
CA GLN D 21 24.36 -35.90 6.73
C GLN D 21 24.29 -37.27 7.40
N THR D 22 23.38 -37.43 8.35
CA THR D 22 23.23 -38.70 9.05
C THR D 22 22.68 -39.76 8.12
N ASP D 23 23.18 -40.99 8.27
CA ASP D 23 22.78 -42.10 7.42
C ASP D 23 21.47 -42.69 7.93
N VAL D 24 20.38 -42.43 7.23
CA VAL D 24 19.09 -42.96 7.61
C VAL D 24 18.70 -44.21 6.81
N LEU D 25 19.21 -44.37 5.60
CA LEU D 25 19.04 -45.60 4.84
C LEU D 25 20.38 -46.00 4.24
N HIS D 26 20.64 -47.31 4.19
CA HIS D 26 21.89 -47.81 3.64
C HIS D 26 21.70 -49.23 3.16
N ASN D 27 22.16 -49.51 1.93
CA ASN D 27 22.15 -50.84 1.34
C ASN D 27 20.74 -51.40 1.29
N VAL D 28 19.86 -50.70 0.57
CA VAL D 28 18.49 -51.13 0.34
C VAL D 28 18.47 -51.85 -1.01
N SER D 29 18.29 -53.17 -0.97
CA SER D 29 18.36 -53.98 -2.18
C SER D 29 17.09 -54.80 -2.36
N PHE D 30 15.93 -54.18 -2.19
CA PHE D 30 14.65 -54.85 -2.36
C PHE D 30 14.21 -54.77 -3.82
N SER D 31 13.59 -55.83 -4.30
CA SER D 31 13.11 -55.92 -5.67
C SER D 31 11.59 -56.08 -5.68
N VAL D 32 10.94 -55.43 -6.65
CA VAL D 32 9.49 -55.44 -6.77
C VAL D 32 9.12 -56.12 -8.08
N GLY D 33 8.26 -57.14 -8.00
CA GLY D 33 7.79 -57.82 -9.18
C GLY D 33 6.48 -57.26 -9.71
N GLU D 34 5.99 -57.89 -10.77
CA GLU D 34 4.74 -57.47 -11.40
C GLU D 34 3.58 -58.26 -10.80
N GLY D 35 2.64 -57.57 -10.16
CA GLY D 35 1.44 -58.16 -9.64
C GLY D 35 1.55 -58.69 -8.22
N GLU D 36 2.69 -59.29 -7.88
CA GLU D 36 2.88 -59.89 -6.57
C GLU D 36 2.89 -58.79 -5.49
N MET D 37 2.23 -59.08 -4.37
CA MET D 37 2.01 -58.09 -3.33
C MET D 37 2.99 -58.31 -2.19
N MET D 38 3.67 -57.25 -1.78
CA MET D 38 4.60 -57.28 -0.66
C MET D 38 4.16 -56.29 0.41
N ALA D 39 4.83 -56.36 1.56
CA ALA D 39 4.52 -55.48 2.68
C ALA D 39 5.79 -55.21 3.46
N ILE D 40 5.99 -53.95 3.85
CA ILE D 40 7.16 -53.52 4.62
C ILE D 40 6.67 -53.04 5.98
N VAL D 41 7.22 -53.61 7.05
CA VAL D 41 6.84 -53.28 8.41
C VAL D 41 8.04 -52.69 9.12
N GLY D 42 7.84 -51.54 9.77
CA GLY D 42 8.90 -50.88 10.51
C GLY D 42 8.32 -49.92 11.53
N SER D 43 9.20 -49.46 12.42
CA SER D 43 8.80 -48.51 13.44
C SER D 43 8.67 -47.11 12.86
N SER D 44 7.82 -46.31 13.49
CA SER D 44 7.61 -44.93 13.06
C SER D 44 8.80 -44.07 13.45
N GLY D 45 9.81 -44.01 12.58
CA GLY D 45 11.02 -43.27 12.87
C GLY D 45 12.26 -43.98 12.38
N SER D 46 12.10 -45.19 11.88
CA SER D 46 13.21 -45.98 11.35
C SER D 46 13.53 -45.65 9.90
N GLY D 47 12.82 -44.71 9.30
CA GLY D 47 13.06 -44.34 7.93
C GLY D 47 12.22 -45.06 6.91
N LYS D 48 11.18 -45.77 7.35
CA LYS D 48 10.29 -46.48 6.43
C LYS D 48 9.40 -45.52 5.63
N SER D 49 8.96 -44.41 6.23
CA SER D 49 8.14 -43.46 5.51
C SER D 49 8.93 -42.70 4.45
N THR D 50 10.17 -42.36 4.74
CA THR D 50 11.03 -41.67 3.76
C THR D 50 11.39 -42.56 2.58
N LEU D 51 11.37 -43.88 2.76
CA LEU D 51 11.72 -44.79 1.67
C LEU D 51 10.75 -44.66 0.50
N LEU D 52 9.46 -44.51 0.78
CA LEU D 52 8.47 -44.45 -0.29
C LEU D 52 8.66 -43.21 -1.17
N HIS D 53 9.11 -42.11 -0.58
CA HIS D 53 9.33 -40.90 -1.38
C HIS D 53 10.44 -41.07 -2.40
N LEU D 54 11.48 -41.85 -2.09
CA LEU D 54 12.57 -42.06 -3.02
C LEU D 54 12.16 -42.92 -4.20
N LEU D 55 11.27 -43.90 -3.98
CA LEU D 55 10.85 -44.78 -5.07
C LEU D 55 9.98 -44.06 -6.09
N GLY D 56 9.25 -43.02 -5.66
CA GLY D 56 8.41 -42.25 -6.55
C GLY D 56 9.12 -41.16 -7.30
N GLY D 57 10.43 -41.03 -7.14
CA GLY D 57 11.16 -39.97 -7.82
C GLY D 57 10.95 -38.59 -7.24
N LEU D 58 10.43 -38.50 -6.02
CA LEU D 58 10.19 -37.22 -5.36
C LEU D 58 11.42 -36.66 -4.67
N ASP D 59 12.47 -37.46 -4.50
CA ASP D 59 13.66 -37.02 -3.80
C ASP D 59 14.89 -37.53 -4.55
N THR D 60 16.06 -37.39 -3.95
CA THR D 60 17.31 -37.85 -4.53
C THR D 60 18.14 -38.57 -3.49
N PRO D 61 18.52 -39.84 -3.75
CA PRO D 61 19.30 -40.59 -2.75
C PRO D 61 20.77 -40.23 -2.72
N THR D 62 21.29 -39.58 -3.77
CA THR D 62 22.63 -39.01 -3.92
C THR D 62 23.73 -40.05 -3.67
N SER D 63 23.35 -41.31 -3.45
CA SER D 63 24.32 -42.39 -3.30
C SER D 63 23.88 -43.68 -3.98
N GLY D 64 22.76 -43.67 -4.69
CA GLY D 64 22.27 -44.87 -5.35
C GLY D 64 21.38 -44.57 -6.53
N ASP D 65 20.76 -45.59 -7.10
CA ASP D 65 19.92 -45.42 -8.28
C ASP D 65 18.73 -46.37 -8.20
N VAL D 66 17.58 -45.90 -8.67
CA VAL D 66 16.35 -46.68 -8.71
C VAL D 66 15.92 -46.79 -10.17
N ILE D 67 15.73 -48.01 -10.65
CA ILE D 67 15.36 -48.26 -12.04
C ILE D 67 13.93 -48.80 -12.06
N PHE D 68 13.04 -48.07 -12.74
CA PHE D 68 11.63 -48.45 -12.85
C PHE D 68 11.34 -48.78 -14.31
N ASN D 69 10.86 -50.01 -14.54
CA ASN D 69 10.52 -50.48 -15.89
C ASN D 69 11.71 -50.35 -16.84
N GLY D 70 12.90 -50.68 -16.34
CA GLY D 70 14.10 -50.60 -17.16
C GLY D 70 14.62 -49.21 -17.41
N GLN D 71 14.23 -48.23 -16.59
CA GLN D 71 14.70 -46.86 -16.76
C GLN D 71 15.03 -46.24 -15.41
N PRO D 72 16.27 -45.80 -15.20
CA PRO D 72 16.62 -45.10 -13.95
C PRO D 72 16.07 -43.68 -13.96
N MET D 73 16.06 -43.08 -12.77
CA MET D 73 15.56 -41.72 -12.58
C MET D 73 16.64 -40.66 -12.72
N SER D 74 17.89 -41.04 -12.95
CA SER D 74 18.96 -40.07 -13.02
C SER D 74 18.87 -39.20 -14.28
N LYS D 75 18.68 -39.84 -15.43
CA LYS D 75 18.68 -39.12 -16.71
C LYS D 75 17.25 -38.73 -17.12
N LEU D 76 16.55 -38.10 -16.19
CA LEU D 76 15.20 -37.60 -16.44
C LEU D 76 15.04 -36.24 -15.78
N SER D 77 14.24 -35.37 -16.38
CA SER D 77 13.96 -34.06 -15.83
C SER D 77 12.73 -34.13 -14.93
N SER D 78 12.31 -32.97 -14.41
CA SER D 78 11.14 -32.91 -13.55
C SER D 78 9.86 -33.25 -14.32
N ALA D 79 9.74 -32.74 -15.56
CA ALA D 79 8.55 -33.00 -16.35
C ALA D 79 8.41 -34.49 -16.65
N ALA D 80 9.50 -35.15 -17.03
CA ALA D 80 9.47 -36.59 -17.29
C ALA D 80 9.11 -37.39 -16.05
N LYS D 81 9.67 -37.04 -14.89
CA LYS D 81 9.31 -37.72 -13.65
C LYS D 81 7.85 -37.52 -13.27
N ALA D 82 7.33 -36.30 -13.41
CA ALA D 82 5.91 -36.07 -13.13
C ALA D 82 5.02 -36.83 -14.09
N GLU D 83 5.39 -36.87 -15.38
CA GLU D 83 4.63 -37.66 -16.33
C GLU D 83 4.66 -39.15 -16.02
N LEU D 84 5.81 -39.68 -15.62
CA LEU D 84 5.88 -41.08 -15.23
C LEU D 84 5.05 -41.35 -13.98
N ARG D 85 5.07 -40.43 -13.02
CA ARG D 85 4.23 -40.55 -11.82
C ARG D 85 2.75 -40.56 -12.18
N ASN D 86 2.32 -39.70 -13.11
CA ASN D 86 0.93 -39.66 -13.53
C ASN D 86 0.53 -40.86 -14.38
N GLN D 87 1.50 -41.52 -15.03
CA GLN D 87 1.16 -42.64 -15.91
C GLN D 87 1.25 -43.98 -15.19
N LYS D 88 2.42 -44.34 -14.67
CA LYS D 88 2.64 -45.67 -14.10
C LYS D 88 2.97 -45.61 -12.62
N LEU D 89 2.25 -44.78 -11.86
CA LEU D 89 2.46 -44.71 -10.42
C LEU D 89 1.14 -44.40 -9.72
N GLY D 90 1.19 -44.34 -8.39
CA GLY D 90 0.03 -44.07 -7.59
C GLY D 90 0.39 -44.00 -6.11
N PHE D 91 -0.15 -43.02 -5.40
CA PHE D 91 0.26 -42.76 -4.03
C PHE D 91 -0.95 -42.77 -3.10
N ILE D 92 -0.78 -43.41 -1.94
CA ILE D 92 -1.79 -43.46 -0.90
C ILE D 92 -1.11 -43.12 0.42
N TYR D 93 -1.66 -42.17 1.17
CA TYR D 93 -1.06 -41.71 2.41
C TYR D 93 -2.03 -41.90 3.57
N GLN D 94 -1.53 -41.67 4.78
CA GLN D 94 -2.31 -41.87 6.00
C GLN D 94 -2.82 -40.57 6.60
N PHE D 95 -2.33 -39.42 6.14
CA PHE D 95 -2.70 -38.13 6.68
C PHE D 95 -4.02 -37.62 6.11
N HIS D 96 -4.70 -38.43 5.29
CA HIS D 96 -5.93 -38.04 4.61
C HIS D 96 -5.70 -36.81 3.73
N HIS D 97 -4.85 -37.02 2.72
CA HIS D 97 -4.40 -35.95 1.83
C HIS D 97 -5.43 -35.76 0.72
N LEU D 98 -6.36 -34.83 0.94
CA LEU D 98 -7.35 -34.45 -0.06
C LEU D 98 -7.45 -32.94 -0.10
N LEU D 99 -7.99 -32.42 -1.21
CA LEU D 99 -8.14 -31.00 -1.39
C LEU D 99 -9.51 -30.57 -0.88
N PRO D 100 -9.61 -29.78 0.19
CA PRO D 100 -10.92 -29.39 0.71
C PRO D 100 -11.52 -28.21 -0.02
N ASP D 101 -11.44 -28.23 -1.36
CA ASP D 101 -12.05 -27.21 -2.19
C ASP D 101 -12.90 -27.86 -3.27
N PHE D 102 -12.46 -29.00 -3.76
CA PHE D 102 -13.14 -29.72 -4.82
C PHE D 102 -14.13 -30.72 -4.23
N THR D 103 -15.04 -31.19 -5.07
CA THR D 103 -15.98 -32.21 -4.66
C THR D 103 -15.33 -33.60 -4.75
N ALA D 104 -16.05 -34.62 -4.30
CA ALA D 104 -15.53 -35.97 -4.35
C ALA D 104 -15.33 -36.44 -5.79
N LEU D 105 -16.21 -36.05 -6.70
CA LEU D 105 -16.07 -36.42 -8.10
C LEU D 105 -14.87 -35.75 -8.74
N GLU D 106 -14.65 -34.47 -8.44
CA GLU D 106 -13.54 -33.72 -9.02
C GLU D 106 -12.19 -34.09 -8.42
N ASN D 107 -12.16 -34.52 -7.14
CA ASN D 107 -10.88 -34.84 -6.50
C ASN D 107 -10.21 -36.02 -7.17
N VAL D 108 -10.96 -37.06 -7.53
CA VAL D 108 -10.38 -38.24 -8.15
C VAL D 108 -10.15 -38.08 -9.64
N ALA D 109 -10.70 -37.04 -10.26
CA ALA D 109 -10.52 -36.79 -11.69
C ALA D 109 -9.28 -35.95 -11.99
N MET D 110 -8.60 -35.45 -10.97
CA MET D 110 -7.40 -34.62 -11.14
C MET D 110 -6.29 -35.37 -11.87
N PRO D 111 -5.97 -36.62 -11.52
CA PRO D 111 -4.95 -37.34 -12.31
C PRO D 111 -5.32 -37.49 -13.77
N LEU D 112 -6.61 -37.66 -14.07
CA LEU D 112 -7.06 -37.69 -15.46
C LEU D 112 -7.06 -36.31 -16.10
N LEU D 113 -7.36 -35.27 -15.33
CA LEU D 113 -7.31 -33.90 -15.87
C LEU D 113 -5.91 -33.49 -16.24
N ILE D 114 -4.91 -33.86 -15.44
CA ILE D 114 -3.52 -33.54 -15.77
C ILE D 114 -3.10 -34.28 -17.03
N GLY D 115 -3.57 -35.51 -17.22
CA GLY D 115 -3.23 -36.27 -18.41
C GLY D 115 -3.90 -35.80 -19.68
N LYS D 116 -4.88 -34.90 -19.57
CA LYS D 116 -5.59 -34.33 -20.72
C LYS D 116 -6.26 -35.43 -21.56
N LYS D 117 -7.15 -36.16 -20.90
CA LYS D 117 -7.89 -37.23 -21.55
C LYS D 117 -9.18 -36.68 -22.15
N LYS D 118 -10.05 -37.58 -22.60
CA LYS D 118 -11.33 -37.16 -23.16
C LYS D 118 -12.18 -36.49 -22.08
N PRO D 119 -12.81 -35.35 -22.39
CA PRO D 119 -13.61 -34.66 -21.37
C PRO D 119 -14.74 -35.50 -20.82
N ALA D 120 -15.35 -36.37 -21.63
CA ALA D 120 -16.39 -37.25 -21.15
C ALA D 120 -15.84 -38.54 -20.54
N GLU D 121 -14.53 -38.81 -20.72
CA GLU D 121 -13.94 -39.97 -20.09
C GLU D 121 -13.88 -39.83 -18.58
N ILE D 122 -13.58 -38.63 -18.08
CA ILE D 122 -13.57 -38.38 -16.63
C ILE D 122 -14.97 -38.39 -16.05
N ASN D 123 -16.00 -38.33 -16.88
CA ASN D 123 -17.38 -38.47 -16.43
C ASN D 123 -17.91 -39.88 -16.60
N SER D 124 -17.03 -40.84 -16.90
CA SER D 124 -17.40 -42.24 -17.04
C SER D 124 -16.52 -43.16 -16.20
N ARG D 125 -15.28 -42.76 -15.91
CA ARG D 125 -14.37 -43.60 -15.16
C ARG D 125 -14.25 -43.22 -13.69
N ALA D 126 -14.45 -41.94 -13.35
CA ALA D 126 -14.33 -41.51 -11.96
C ALA D 126 -15.45 -42.09 -11.11
N LEU D 127 -16.70 -41.83 -11.48
CA LEU D 127 -17.83 -42.41 -10.76
C LEU D 127 -17.86 -43.92 -10.86
N GLU D 128 -17.25 -44.51 -11.89
CA GLU D 128 -17.07 -45.96 -11.91
C GLU D 128 -16.22 -46.43 -10.75
N MET D 129 -15.10 -45.75 -10.48
CA MET D 129 -14.30 -46.08 -9.30
C MET D 129 -15.04 -45.79 -8.01
N LEU D 130 -15.81 -44.69 -7.96
CA LEU D 130 -16.58 -44.37 -6.77
C LEU D 130 -17.63 -45.43 -6.45
N LYS D 131 -18.32 -45.96 -7.46
CA LYS D 131 -19.26 -47.05 -7.24
C LYS D 131 -18.58 -48.39 -7.02
N ALA D 132 -17.36 -48.58 -7.54
CA ALA D 132 -16.61 -49.78 -7.21
C ALA D 132 -16.22 -49.79 -5.74
N VAL D 133 -15.80 -48.65 -5.20
CA VAL D 133 -15.55 -48.55 -3.77
C VAL D 133 -16.85 -48.32 -2.99
N GLY D 134 -17.91 -47.90 -3.67
CA GLY D 134 -19.21 -47.73 -3.03
C GLY D 134 -19.42 -46.36 -2.41
N LEU D 135 -19.04 -45.31 -3.14
CA LEU D 135 -19.21 -43.95 -2.64
C LEU D 135 -19.71 -42.98 -3.71
N ASP D 136 -20.38 -43.48 -4.76
CA ASP D 136 -20.89 -42.60 -5.80
C ASP D 136 -22.08 -41.78 -5.34
N HIS D 137 -22.75 -42.19 -4.26
CA HIS D 137 -23.89 -41.42 -3.77
C HIS D 137 -23.46 -40.06 -3.21
N ARG D 138 -22.23 -39.97 -2.70
CA ARG D 138 -21.70 -38.73 -2.13
C ARG D 138 -20.68 -38.09 -3.06
N ALA D 139 -20.84 -38.31 -4.37
CA ALA D 139 -19.92 -37.74 -5.34
C ALA D 139 -19.98 -36.21 -5.35
N ASN D 140 -21.18 -35.65 -5.29
CA ASN D 140 -21.36 -34.20 -5.26
C ASN D 140 -21.49 -33.74 -3.81
N HIS D 141 -20.37 -33.81 -3.10
CA HIS D 141 -20.30 -33.43 -1.70
C HIS D 141 -19.00 -32.69 -1.45
N ARG D 142 -18.67 -32.49 -0.18
CA ARG D 142 -17.45 -31.80 0.21
C ARG D 142 -16.74 -32.59 1.30
N PRO D 143 -15.41 -32.64 1.28
CA PRO D 143 -14.68 -33.30 2.37
C PRO D 143 -14.97 -32.73 3.75
N SER D 144 -15.33 -31.45 3.84
CA SER D 144 -15.71 -30.88 5.13
C SER D 144 -17.02 -31.44 5.64
N GLU D 145 -17.79 -32.11 4.78
CA GLU D 145 -19.07 -32.71 5.19
C GLU D 145 -18.95 -34.18 5.54
N LEU D 146 -18.09 -34.92 4.85
CA LEU D 146 -17.95 -36.36 5.09
C LEU D 146 -17.22 -36.61 6.40
N SER D 147 -17.51 -37.77 6.99
CA SER D 147 -16.88 -38.17 8.24
C SER D 147 -15.43 -38.60 7.98
N GLY D 148 -14.71 -38.87 9.08
CA GLY D 148 -13.31 -39.21 8.96
C GLY D 148 -13.06 -40.48 8.16
N GLY D 149 -13.83 -41.53 8.45
CA GLY D 149 -13.67 -42.79 7.75
C GLY D 149 -14.38 -42.88 6.42
N GLU D 150 -15.14 -41.84 6.04
CA GLU D 150 -15.89 -41.88 4.79
C GLU D 150 -15.04 -41.43 3.61
N ARG D 151 -14.41 -40.27 3.72
CA ARG D 151 -13.63 -39.71 2.63
C ARG D 151 -12.27 -40.38 2.46
N GLN D 152 -11.86 -41.24 3.39
CA GLN D 152 -10.60 -41.96 3.23
C GLN D 152 -10.64 -42.87 2.02
N ARG D 153 -11.75 -43.57 1.80
CA ARG D 153 -11.90 -44.40 0.61
C ARG D 153 -11.85 -43.58 -0.68
N VAL D 154 -12.29 -42.32 -0.63
CA VAL D 154 -12.12 -41.45 -1.79
C VAL D 154 -10.65 -41.24 -2.09
N ALA D 155 -9.83 -41.03 -1.06
CA ALA D 155 -8.39 -40.92 -1.26
C ALA D 155 -7.78 -42.23 -1.76
N ILE D 156 -8.30 -43.37 -1.28
CA ILE D 156 -7.80 -44.66 -1.77
C ILE D 156 -8.09 -44.82 -3.25
N ALA D 157 -9.31 -44.47 -3.68
CA ALA D 157 -9.71 -44.62 -5.08
C ALA D 157 -9.16 -43.51 -5.97
N ARG D 158 -8.66 -42.41 -5.40
CA ARG D 158 -8.12 -41.33 -6.22
C ARG D 158 -6.91 -41.81 -7.03
N ALA D 159 -6.02 -42.58 -6.41
CA ALA D 159 -4.83 -43.04 -7.10
C ALA D 159 -5.13 -44.16 -8.11
N LEU D 160 -6.21 -44.90 -7.92
CA LEU D 160 -6.53 -46.03 -8.79
C LEU D 160 -7.53 -45.61 -9.86
N VAL D 161 -7.07 -44.72 -10.76
CA VAL D 161 -7.92 -44.25 -11.85
C VAL D 161 -7.24 -44.48 -13.20
N ASN D 162 -6.00 -44.02 -13.34
CA ASN D 162 -5.28 -44.08 -14.62
C ASN D 162 -4.43 -45.33 -14.73
N ASN D 163 -5.04 -46.50 -14.49
CA ASN D 163 -4.41 -47.81 -14.62
C ASN D 163 -3.03 -47.83 -13.95
N PRO D 164 -2.96 -47.77 -12.62
CA PRO D 164 -1.65 -47.70 -11.95
C PRO D 164 -0.96 -49.06 -11.97
N ARG D 165 0.26 -49.07 -12.51
CA ARG D 165 1.05 -50.29 -12.54
C ARG D 165 1.66 -50.62 -11.18
N LEU D 166 2.08 -49.60 -10.43
CA LEU D 166 2.65 -49.80 -9.11
C LEU D 166 2.06 -48.76 -8.16
N VAL D 167 1.59 -49.22 -7.01
CA VAL D 167 0.88 -48.38 -6.05
C VAL D 167 1.60 -48.42 -4.71
N LEU D 168 2.08 -47.27 -4.26
CA LEU D 168 2.67 -47.14 -2.94
C LEU D 168 1.59 -46.81 -1.92
N ALA D 169 1.67 -47.44 -0.75
CA ALA D 169 0.73 -47.17 0.33
C ALA D 169 1.50 -46.98 1.62
N ASP D 170 0.99 -46.07 2.46
CA ASP D 170 1.60 -45.78 3.75
C ASP D 170 0.48 -45.71 4.78
N GLU D 171 0.27 -46.81 5.51
CA GLU D 171 -0.78 -46.94 6.51
C GLU D 171 -2.14 -46.60 5.92
N PRO D 172 -2.64 -47.38 4.96
CA PRO D 172 -3.97 -47.10 4.43
C PRO D 172 -5.07 -47.18 5.47
N THR D 173 -4.92 -48.09 6.44
CA THR D 173 -5.88 -48.22 7.54
C THR D 173 -5.27 -47.56 8.78
N GLY D 174 -5.43 -46.24 8.85
CA GLY D 174 -4.92 -45.48 9.97
C GLY D 174 -6.01 -44.80 10.76
N ASN D 175 -7.11 -44.44 10.09
CA ASN D 175 -8.23 -43.77 10.73
C ASN D 175 -9.53 -44.56 10.65
N LEU D 176 -9.83 -45.17 9.51
CA LEU D 176 -11.03 -45.97 9.36
C LEU D 176 -10.93 -47.25 10.18
N ASP D 177 -12.07 -47.72 10.68
CA ASP D 177 -12.11 -48.84 11.60
C ASP D 177 -11.89 -50.16 10.86
N ALA D 178 -12.02 -51.27 11.58
CA ALA D 178 -11.82 -52.59 11.00
C ALA D 178 -13.05 -53.11 10.27
N ARG D 179 -14.20 -52.46 10.42
CA ARG D 179 -15.40 -52.90 9.71
C ARG D 179 -15.21 -52.81 8.20
N ASN D 180 -14.63 -51.71 7.73
CA ASN D 180 -14.38 -51.50 6.31
C ASN D 180 -12.92 -51.77 5.94
N ALA D 181 -12.09 -52.22 6.89
CA ALA D 181 -10.71 -52.55 6.57
C ALA D 181 -10.62 -53.70 5.59
N ASP D 182 -11.46 -54.73 5.76
CA ASP D 182 -11.55 -55.80 4.78
C ASP D 182 -12.28 -55.35 3.53
N SER D 183 -13.26 -54.44 3.68
CA SER D 183 -14.00 -53.94 2.54
C SER D 183 -13.13 -53.14 1.58
N ILE D 184 -12.13 -52.43 2.09
CA ILE D 184 -11.21 -51.70 1.22
C ILE D 184 -10.06 -52.56 0.71
N PHE D 185 -9.94 -53.79 1.20
CA PHE D 185 -8.89 -54.70 0.74
C PHE D 185 -9.38 -55.70 -0.29
N GLN D 186 -10.67 -56.05 -0.29
CA GLN D 186 -11.16 -57.04 -1.24
C GLN D 186 -11.05 -56.56 -2.67
N LEU D 187 -11.45 -55.31 -2.94
CA LEU D 187 -11.32 -54.77 -4.29
C LEU D 187 -9.87 -54.53 -4.67
N LEU D 188 -9.02 -54.15 -3.71
CA LEU D 188 -7.59 -54.03 -4.01
C LEU D 188 -6.99 -55.36 -4.41
N GLY D 189 -7.37 -56.45 -3.73
CA GLY D 189 -6.94 -57.76 -4.14
C GLY D 189 -7.51 -58.18 -5.48
N GLU D 190 -8.78 -57.85 -5.74
CA GLU D 190 -9.39 -58.17 -7.02
C GLU D 190 -8.73 -57.42 -8.18
N LEU D 191 -8.18 -56.23 -7.92
CA LEU D 191 -7.45 -55.51 -8.95
C LEU D 191 -6.22 -56.26 -9.42
N ASN D 192 -5.62 -57.09 -8.55
CA ASN D 192 -4.48 -57.91 -8.95
C ASN D 192 -4.86 -59.00 -9.94
N ARG D 193 -6.03 -59.61 -9.79
CA ARG D 193 -6.49 -60.65 -10.71
C ARG D 193 -7.31 -60.10 -11.87
N LEU D 194 -7.65 -58.81 -11.84
CA LEU D 194 -8.43 -58.22 -12.93
C LEU D 194 -7.53 -57.72 -14.05
N GLN D 195 -6.59 -56.82 -13.73
CA GLN D 195 -5.69 -56.26 -14.72
C GLN D 195 -4.22 -56.54 -14.44
N GLY D 196 -3.88 -57.14 -13.29
CA GLY D 196 -2.50 -57.44 -13.00
C GLY D 196 -1.70 -56.24 -12.53
N THR D 197 -2.10 -55.65 -11.41
CA THR D 197 -1.42 -54.50 -10.83
C THR D 197 -0.64 -54.92 -9.59
N ALA D 198 0.37 -54.13 -9.26
CA ALA D 198 1.21 -54.38 -8.10
C ALA D 198 1.12 -53.20 -7.13
N PHE D 199 1.07 -53.52 -5.85
CA PHE D 199 1.02 -52.49 -4.82
C PHE D 199 1.77 -52.98 -3.59
N LEU D 200 2.51 -52.06 -2.97
CA LEU D 200 3.23 -52.35 -1.73
C LEU D 200 2.73 -51.42 -0.64
N VAL D 201 2.65 -51.95 0.58
CA VAL D 201 2.06 -51.26 1.72
C VAL D 201 3.08 -51.24 2.85
N VAL D 202 3.25 -50.07 3.47
CA VAL D 202 4.18 -49.89 4.58
C VAL D 202 3.37 -49.55 5.82
N THR D 203 3.38 -50.44 6.81
CA THR D 203 2.70 -50.23 8.08
C THR D 203 3.68 -50.54 9.20
N HIS D 204 3.16 -50.58 10.44
CA HIS D 204 3.96 -50.92 11.61
C HIS D 204 3.39 -52.11 12.36
N ASP D 205 2.30 -52.71 11.89
CA ASP D 205 1.64 -53.82 12.57
C ASP D 205 1.68 -55.06 11.68
N LEU D 206 1.85 -56.22 12.32
CA LEU D 206 1.89 -57.49 11.60
C LEU D 206 0.54 -58.19 11.53
N GLN D 207 -0.48 -57.67 12.21
CA GLN D 207 -1.78 -58.33 12.22
C GLN D 207 -2.51 -58.20 10.88
N LEU D 208 -2.38 -57.06 10.21
CA LEU D 208 -3.02 -56.85 8.92
C LEU D 208 -2.15 -57.27 7.74
N ALA D 209 -0.96 -57.80 8.00
CA ALA D 209 -0.07 -58.27 6.95
C ALA D 209 -0.31 -59.74 6.60
N LYS D 210 -1.30 -60.38 7.23
CA LYS D 210 -1.58 -61.78 6.94
C LYS D 210 -2.06 -61.96 5.50
N ARG D 211 -2.89 -61.04 5.01
CA ARG D 211 -3.43 -61.15 3.67
C ARG D 211 -2.40 -60.83 2.58
N MET D 212 -1.25 -60.31 2.94
CA MET D 212 -0.19 -60.02 1.97
C MET D 212 0.56 -61.29 1.61
N SER D 213 1.11 -61.32 0.40
CA SER D 213 1.81 -62.47 -0.13
C SER D 213 3.30 -62.45 0.18
N ARG D 214 3.79 -61.44 0.90
CA ARG D 214 5.20 -61.35 1.22
C ARG D 214 5.37 -60.58 2.53
N GLN D 215 6.53 -60.75 3.14
CA GLN D 215 6.87 -60.06 4.38
C GLN D 215 8.33 -59.66 4.34
N LEU D 216 8.59 -58.37 4.18
CA LEU D 216 9.93 -57.81 4.06
C LEU D 216 10.14 -56.67 5.04
N GLU D 217 9.82 -56.91 6.31
CA GLU D 217 9.96 -55.89 7.34
C GLU D 217 11.40 -55.42 7.42
N MET D 218 11.56 -54.13 7.70
CA MET D 218 12.86 -53.46 7.65
C MET D 218 13.13 -52.75 8.97
N ARG D 219 14.37 -52.82 9.43
CA ARG D 219 14.83 -52.12 10.63
C ARG D 219 16.08 -51.33 10.28
N ASP D 220 15.95 -50.00 10.27
CA ASP D 220 17.06 -49.09 10.02
C ASP D 220 17.69 -49.35 8.65
N GLY D 221 16.83 -49.38 7.63
CA GLY D 221 17.31 -49.48 6.26
C GLY D 221 17.77 -50.86 5.84
N ARG D 222 17.56 -51.89 6.66
CA ARG D 222 17.98 -53.25 6.34
C ARG D 222 16.77 -54.18 6.41
N LEU D 223 16.54 -54.92 5.34
CA LEU D 223 15.45 -55.91 5.25
C LEU D 223 16.07 -57.21 4.76
N THR D 224 16.40 -58.10 5.69
CA THR D 224 17.13 -59.32 5.38
C THR D 224 16.33 -60.59 5.67
N ALA D 225 15.82 -60.74 6.90
CA ALA D 225 15.18 -61.97 7.31
C ALA D 225 13.93 -61.64 8.12
N GLU D 226 13.39 -62.64 8.80
CA GLU D 226 12.15 -62.53 9.56
C GLU D 226 12.41 -62.26 11.04
N LEU D 227 13.51 -61.59 11.37
CA LEU D 227 13.83 -61.27 12.75
C LEU D 227 12.83 -60.26 13.29
N SER D 228 12.46 -60.42 14.56
CA SER D 228 11.50 -59.53 15.20
C SER D 228 11.67 -59.51 16.70
N CYS E 1 1.92 26.98 -8.43
CA CYS E 1 2.11 25.71 -9.12
C CYS E 1 1.45 25.72 -10.50
N SER E 2 0.41 24.91 -10.64
CA SER E 2 -0.37 24.82 -11.88
C SER E 2 -1.83 25.14 -11.63
N SER E 3 -2.12 25.87 -10.55
CA SER E 3 -3.49 26.24 -10.17
C SER E 3 -3.52 27.76 -10.07
N ASN E 4 -4.06 28.41 -11.09
CA ASN E 4 -4.15 29.87 -11.14
C ASN E 4 -5.60 30.28 -11.19
N ALA E 5 -5.98 31.23 -10.34
CA ALA E 5 -7.32 31.77 -10.30
C ALA E 5 -7.42 33.17 -10.88
N LYS E 6 -6.40 34.01 -10.67
CA LYS E 6 -6.33 35.35 -11.23
C LYS E 6 -7.53 36.20 -10.80
N ILE E 7 -7.65 36.36 -9.49
CA ILE E 7 -8.69 37.21 -8.90
C ILE E 7 -8.01 38.47 -8.37
N ASP E 8 -8.43 39.62 -8.86
CA ASP E 8 -7.84 40.89 -8.46
C ASP E 8 -8.73 41.63 -7.48
N GLN E 9 -8.11 42.42 -6.64
CA GLN E 9 -8.81 43.22 -5.63
C GLN E 9 -8.66 44.70 -5.98
N LEU E 10 -9.79 45.40 -6.07
CA LEU E 10 -9.80 46.81 -6.44
C LEU E 10 -9.82 47.69 -5.20
#